data_5A11
#
_entry.id   5A11
#
_cell.length_a   48.367
_cell.length_b   89.613
_cell.length_c   83.842
_cell.angle_alpha   90.00
_cell.angle_beta   101.08
_cell.angle_gamma   90.00
#
_symmetry.space_group_name_H-M   'P 1 21 1'
#
loop_
_entity.id
_entity.type
_entity.pdbx_description
1 polymer 'THIOCYANATE FORMING PROTEIN'
2 non-polymer 'IODIDE ION'
3 water water
#
_entity_poly.entity_id   1
_entity_poly.type   'polypeptide(L)'
_entity_poly.pdbx_seq_one_letter_code
;GPLGSPEFMARTLQGEWMKVEQKGGQVPAPRSSHGIAVIGDKLYCFGGEDPPYESIDNDLYVFDFNTHTWSIAPANGDVP
KTRVLGTRMVAVGTKLYVFGGRNKQLEFEDFYSYDTVKEEWKFLTKLDEKGGPEARTFHSMTSDENHVYVFGGVSKGGLN
ATPFRFRTIEAYNIAEGKWAQLPDPGEDFEKRGMAGFLVVQGKLWVFYGFATANDPKIPTLYGSQDYESNRVHCYDPATQ
KWTEVETTGFEKPSRRSCFAHAAVGKYIIIFGGEIERDPEAHQGPGTLSREGFALDTETLVWERYEGGPIKPSNRGWVAS
TTTTINGKKGLLVHGGKLMTNERTDEMYFFAVNSST
;
_entity_poly.pdbx_strand_id   A,B
#
loop_
_chem_comp.id
_chem_comp.type
_chem_comp.name
_chem_comp.formula
IOD non-polymer 'IODIDE ION' 'I -1'
#
# COMPACT_ATOMS: atom_id res chain seq x y z
N THR A 12 6.87 -2.83 -22.41
CA THR A 12 6.73 -1.99 -23.61
C THR A 12 7.14 -0.56 -23.33
N LEU A 13 6.58 0.05 -22.28
CA LEU A 13 6.99 1.41 -21.92
C LEU A 13 8.25 1.42 -21.07
N GLN A 14 9.34 1.86 -21.69
CA GLN A 14 10.66 1.91 -21.07
C GLN A 14 11.11 3.35 -20.83
N GLY A 15 11.87 3.56 -19.76
CA GLY A 15 12.34 4.90 -19.43
C GLY A 15 13.24 5.00 -18.23
N GLU A 16 13.52 6.23 -17.81
CA GLU A 16 14.48 6.49 -16.75
C GLU A 16 13.94 7.54 -15.79
N TRP A 17 13.97 7.22 -14.49
CA TRP A 17 13.67 8.18 -13.45
C TRP A 17 14.84 9.09 -13.18
N MET A 18 14.56 10.39 -13.08
CA MET A 18 15.57 11.39 -12.78
C MET A 18 15.14 12.28 -11.62
N LYS A 19 16.07 12.62 -10.75
CA LYS A 19 15.83 13.65 -9.75
C LYS A 19 16.26 15.00 -10.31
N VAL A 20 15.34 15.96 -10.36
CA VAL A 20 15.66 17.22 -11.00
C VAL A 20 16.46 18.06 -10.02
N GLU A 21 17.65 18.49 -10.44
CA GLU A 21 18.49 19.29 -9.57
C GLU A 21 17.90 20.68 -9.35
N GLN A 22 17.91 21.11 -8.10
CA GLN A 22 17.47 22.45 -7.75
C GLN A 22 18.61 23.21 -7.07
N LYS A 23 19.19 24.18 -7.77
CA LYS A 23 20.44 24.78 -7.32
C LYS A 23 20.17 25.82 -6.23
N GLY A 24 19.09 26.57 -6.38
CA GLY A 24 18.65 27.51 -5.37
C GLY A 24 17.76 28.61 -5.92
N GLY A 25 17.92 29.83 -5.41
CA GLY A 25 17.02 30.90 -5.76
C GLY A 25 15.93 31.07 -4.72
N GLN A 26 14.76 31.53 -5.16
CA GLN A 26 13.62 31.69 -4.28
C GLN A 26 12.79 30.41 -4.27
N VAL A 27 13.32 29.39 -3.59
CA VAL A 27 12.75 28.04 -3.64
C VAL A 27 11.45 27.94 -2.86
N PRO A 28 10.45 27.28 -3.43
CA PRO A 28 9.17 27.20 -2.71
C PRO A 28 9.27 26.20 -1.56
N ALA A 29 8.68 26.56 -0.42
CA ALA A 29 8.54 25.65 0.71
C ALA A 29 7.90 24.34 0.29
N PRO A 30 8.24 23.24 0.99
CA PRO A 30 7.64 21.96 0.64
C PRO A 30 6.12 22.03 0.74
N ARG A 31 5.44 21.31 -0.15
CA ARG A 31 3.99 21.41 -0.27
C ARG A 31 3.39 20.17 -0.92
N SER A 32 2.13 19.91 -0.61
CA SER A 32 1.30 18.98 -1.38
C SER A 32 0.10 19.73 -1.95
N SER A 33 -0.75 19.03 -2.68
CA SER A 33 -2.07 19.53 -3.04
C SER A 33 -1.99 20.84 -3.84
N HIS A 34 -1.00 20.95 -4.71
CA HIS A 34 -0.76 22.18 -5.45
C HIS A 34 -0.79 21.91 -6.95
N GLY A 35 -0.68 22.97 -7.74
CA GLY A 35 -0.66 22.83 -9.20
C GLY A 35 0.64 23.24 -9.86
N ILE A 36 1.05 22.47 -10.85
CA ILE A 36 2.18 22.85 -11.69
C ILE A 36 1.87 22.73 -13.18
N ALA A 37 2.61 23.49 -13.98
CA ALA A 37 2.53 23.39 -15.43
C ALA A 37 3.80 23.98 -16.05
N VAL A 38 4.12 23.52 -17.24
CA VAL A 38 5.31 24.00 -17.93
C VAL A 38 4.94 24.72 -19.21
N ILE A 39 5.59 25.85 -19.46
CA ILE A 39 5.56 26.51 -20.76
C ILE A 39 6.99 26.74 -21.19
N GLY A 40 7.37 26.19 -22.34
CA GLY A 40 8.74 26.32 -22.80
C GLY A 40 9.71 25.65 -21.83
N ASP A 41 10.75 26.39 -21.44
CA ASP A 41 11.77 25.88 -20.53
C ASP A 41 11.52 26.28 -19.08
N LYS A 42 10.28 26.63 -18.74
CA LYS A 42 9.97 27.06 -17.39
C LYS A 42 8.87 26.24 -16.71
N LEU A 43 9.13 25.83 -15.47
CA LEU A 43 8.14 25.16 -14.64
C LEU A 43 7.44 26.20 -13.78
N TYR A 44 6.11 26.12 -13.70
CA TYR A 44 5.37 27.03 -12.84
C TYR A 44 4.70 26.30 -11.70
N CYS A 45 4.65 26.93 -10.54
CA CYS A 45 4.16 26.29 -9.33
C CYS A 45 3.28 27.23 -8.53
N PHE A 46 2.09 26.76 -8.14
CA PHE A 46 1.15 27.58 -7.40
C PHE A 46 0.36 26.79 -6.38
N GLY A 47 0.19 27.37 -5.19
CA GLY A 47 -0.65 26.77 -4.19
C GLY A 47 0.13 25.77 -3.36
N GLY A 48 -0.57 25.08 -2.47
CA GLY A 48 0.03 24.04 -1.66
C GLY A 48 -0.45 23.96 -0.23
N GLU A 49 -0.19 22.80 0.36
CA GLU A 49 -0.61 22.50 1.73
C GLU A 49 0.60 22.10 2.56
N ASP A 50 0.76 22.74 3.71
CA ASP A 50 1.75 22.38 4.73
C ASP A 50 1.71 23.44 5.84
N PRO A 51 1.55 23.01 7.10
CA PRO A 51 1.21 21.67 7.63
C PRO A 51 -0.19 21.22 7.17
N PRO A 52 -0.66 20.02 7.60
CA PRO A 52 -1.99 19.58 7.14
C PRO A 52 -3.13 20.59 7.34
N TYR A 53 -3.93 20.76 6.30
CA TYR A 53 -5.11 21.62 6.27
C TYR A 53 -4.73 23.09 6.21
N GLU A 54 -3.43 23.37 6.14
CA GLU A 54 -2.97 24.74 6.07
C GLU A 54 -2.36 25.05 4.72
N SER A 55 -2.80 26.15 4.11
CA SER A 55 -2.15 26.67 2.92
C SER A 55 -0.89 27.42 3.31
N ILE A 56 -0.12 27.85 2.31
CA ILE A 56 1.24 28.34 2.54
C ILE A 56 1.38 29.77 2.02
N ASP A 57 1.14 29.94 0.73
CA ASP A 57 1.40 31.21 0.07
C ASP A 57 0.59 31.31 -1.22
N ASN A 58 0.70 32.45 -1.90
CA ASN A 58 0.08 32.63 -3.20
C ASN A 58 1.03 33.22 -4.24
N ASP A 59 2.31 33.03 -4.02
CA ASP A 59 3.28 33.42 -5.03
C ASP A 59 3.21 32.45 -6.20
N LEU A 60 3.53 32.95 -7.39
CA LEU A 60 3.70 32.09 -8.56
C LEU A 60 5.17 31.83 -8.78
N TYR A 61 5.61 30.63 -8.45
CA TYR A 61 7.01 30.27 -8.57
C TYR A 61 7.34 29.77 -9.96
N VAL A 62 8.56 30.07 -10.41
CA VAL A 62 8.98 29.77 -11.76
C VAL A 62 10.34 29.07 -11.70
N PHE A 63 10.40 27.86 -12.26
CA PHE A 63 11.64 27.11 -12.30
C PHE A 63 12.16 27.08 -13.73
N ASP A 64 13.40 27.54 -13.90
CA ASP A 64 14.03 27.55 -15.20
C ASP A 64 14.85 26.28 -15.34
N PHE A 65 14.55 25.49 -16.36
CA PHE A 65 15.22 24.22 -16.58
C PHE A 65 16.63 24.37 -17.14
N ASN A 66 16.95 25.54 -17.66
CA ASN A 66 18.31 25.77 -18.14
C ASN A 66 19.25 26.14 -17.00
N THR A 67 18.75 26.91 -16.03
CA THR A 67 19.59 27.37 -14.93
C THR A 67 19.40 26.49 -13.69
N HIS A 68 18.33 25.69 -13.68
CA HIS A 68 17.98 24.84 -12.55
C HIS A 68 17.80 25.68 -11.27
N THR A 69 17.24 26.87 -11.44
CA THR A 69 16.99 27.79 -10.33
C THR A 69 15.54 28.29 -10.28
N TRP A 70 15.11 28.71 -9.09
CA TRP A 70 13.74 29.19 -8.88
C TRP A 70 13.64 30.70 -8.79
N SER A 71 12.49 31.23 -9.23
CA SER A 71 12.17 32.64 -9.09
C SER A 71 10.67 32.80 -8.85
N ILE A 72 10.26 34.02 -8.51
CA ILE A 72 8.86 34.34 -8.34
C ILE A 72 8.34 35.24 -9.46
N ALA A 73 7.28 34.83 -10.13
CA ALA A 73 6.77 35.59 -11.25
C ALA A 73 6.18 36.91 -10.77
N PRO A 74 6.34 37.99 -11.55
CA PRO A 74 5.80 39.31 -11.20
C PRO A 74 4.31 39.25 -10.89
N ALA A 75 3.93 39.76 -9.72
CA ALA A 75 2.53 39.75 -9.29
C ALA A 75 1.75 40.96 -9.82
N ASN A 76 1.59 41.01 -11.14
CA ASN A 76 0.88 42.11 -11.78
C ASN A 76 -0.51 41.66 -12.22
N GLY A 77 -1.40 42.62 -12.45
CA GLY A 77 -2.75 42.31 -12.89
C GLY A 77 -3.67 41.92 -11.74
N ASP A 78 -4.62 41.03 -12.03
CA ASP A 78 -5.59 40.61 -11.02
C ASP A 78 -5.02 39.47 -10.17
N VAL A 79 -4.18 39.81 -9.19
CA VAL A 79 -3.52 38.82 -8.34
C VAL A 79 -4.49 37.96 -7.52
N PRO A 80 -4.29 36.63 -7.52
CA PRO A 80 -5.19 35.71 -6.82
C PRO A 80 -5.35 36.07 -5.34
N LYS A 81 -6.58 36.10 -4.83
CA LYS A 81 -6.83 36.72 -3.54
C LYS A 81 -6.56 35.82 -2.34
N THR A 82 -6.33 34.54 -2.61
CA THR A 82 -6.27 33.54 -1.54
C THR A 82 -5.09 32.58 -1.61
N ARG A 83 -4.52 32.24 -0.46
CA ARG A 83 -3.50 31.21 -0.44
C ARG A 83 -4.27 29.91 -0.27
N VAL A 84 -4.16 29.02 -1.24
CA VAL A 84 -5.03 27.85 -1.30
C VAL A 84 -4.28 26.53 -1.38
N LEU A 85 -4.93 25.48 -0.88
CA LEU A 85 -4.53 24.10 -1.11
C LEU A 85 -5.58 23.43 -1.99
N GLY A 86 -5.23 22.29 -2.59
CA GLY A 86 -6.21 21.60 -3.41
C GLY A 86 -6.51 22.36 -4.69
N THR A 87 -5.57 23.20 -5.12
CA THR A 87 -5.75 23.98 -6.33
C THR A 87 -5.07 23.27 -7.47
N ARG A 88 -5.35 23.68 -8.70
CA ARG A 88 -4.70 23.07 -9.84
C ARG A 88 -4.36 24.11 -10.90
N MET A 89 -3.41 23.79 -11.76
CA MET A 89 -2.96 24.71 -12.80
C MET A 89 -2.56 23.98 -14.06
N VAL A 90 -3.03 24.46 -15.20
CA VAL A 90 -2.63 23.90 -16.50
C VAL A 90 -2.09 24.97 -17.44
N ALA A 91 -1.36 24.52 -18.45
CA ALA A 91 -0.82 25.42 -19.46
C ALA A 91 -1.43 25.19 -20.86
N VAL A 92 -1.79 26.28 -21.51
CA VAL A 92 -2.15 26.24 -22.92
C VAL A 92 -1.45 27.41 -23.60
N GLY A 93 -0.60 27.12 -24.57
CA GLY A 93 0.15 28.17 -25.22
C GLY A 93 1.08 28.85 -24.23
N THR A 94 1.00 30.17 -24.14
CA THR A 94 1.83 30.93 -23.23
C THR A 94 1.06 31.42 -21.99
N LYS A 95 -0.13 30.88 -21.78
CA LYS A 95 -0.92 31.23 -20.59
C LYS A 95 -1.09 30.08 -19.59
N LEU A 96 -1.09 30.42 -18.31
CA LEU A 96 -1.42 29.48 -17.24
C LEU A 96 -2.86 29.70 -16.77
N TYR A 97 -3.52 28.63 -16.35
CA TYR A 97 -4.89 28.75 -15.83
C TYR A 97 -5.03 28.09 -14.46
N VAL A 98 -5.47 28.87 -13.48
CA VAL A 98 -5.65 28.36 -12.13
C VAL A 98 -7.13 28.30 -11.80
N PHE A 99 -7.57 27.15 -11.28
CA PHE A 99 -8.96 26.96 -10.92
C PHE A 99 -9.05 26.33 -9.53
N GLY A 100 -9.80 26.97 -8.64
CA GLY A 100 -10.24 26.35 -7.41
C GLY A 100 -9.17 26.08 -6.37
N GLY A 101 -9.45 25.14 -5.49
CA GLY A 101 -8.75 24.99 -4.22
C GLY A 101 -9.34 25.91 -3.16
N ARG A 102 -9.01 25.65 -1.90
CA ARG A 102 -9.48 26.49 -0.81
C ARG A 102 -8.48 26.66 0.34
N ASN A 103 -8.75 27.59 1.24
CA ASN A 103 -8.03 27.67 2.52
C ASN A 103 -8.82 27.10 3.69
N LYS A 104 -8.22 27.17 4.87
CA LYS A 104 -8.81 26.61 6.08
C LYS A 104 -10.11 27.33 6.44
N GLN A 105 -10.24 28.57 5.97
CA GLN A 105 -11.44 29.38 6.22
C GLN A 105 -12.47 29.22 5.12
N LEU A 106 -12.26 28.25 4.25
CA LEU A 106 -13.26 27.82 3.27
C LEU A 106 -13.46 28.90 2.21
N GLU A 107 -12.44 29.75 2.04
CA GLU A 107 -12.44 30.65 0.89
C GLU A 107 -11.79 29.94 -0.29
N PHE A 108 -12.50 29.93 -1.41
CA PHE A 108 -12.06 29.21 -2.59
C PHE A 108 -11.41 30.15 -3.60
N GLU A 109 -10.38 29.67 -4.29
CA GLU A 109 -9.80 30.42 -5.40
C GLU A 109 -10.74 30.41 -6.60
N ASP A 110 -10.90 31.58 -7.22
CA ASP A 110 -11.64 31.68 -8.47
C ASP A 110 -10.78 31.27 -9.66
N PHE A 111 -11.26 31.56 -10.86
CA PHE A 111 -10.60 31.14 -12.09
C PHE A 111 -9.79 32.31 -12.64
N TYR A 112 -8.48 32.11 -12.79
CA TYR A 112 -7.60 33.17 -13.26
C TYR A 112 -6.75 32.64 -14.39
N SER A 113 -6.34 33.52 -15.32
CA SER A 113 -5.25 33.13 -16.21
C SER A 113 -4.03 33.95 -15.84
N TYR A 114 -2.85 33.43 -16.16
CA TYR A 114 -1.62 34.20 -16.09
C TYR A 114 -0.95 34.20 -17.45
N ASP A 115 -0.68 35.39 -17.97
CA ASP A 115 0.02 35.53 -19.24
C ASP A 115 1.50 35.56 -18.91
N THR A 116 2.21 34.51 -19.33
CA THR A 116 3.62 34.33 -18.98
C THR A 116 4.52 35.28 -19.76
N VAL A 117 3.97 35.89 -20.82
CA VAL A 117 4.71 36.86 -21.60
C VAL A 117 4.68 38.24 -20.94
N LYS A 118 3.48 38.75 -20.67
CA LYS A 118 3.35 40.05 -20.03
C LYS A 118 3.55 39.99 -18.52
N GLU A 119 3.52 38.78 -17.98
CA GLU A 119 3.78 38.56 -16.56
C GLU A 119 2.72 39.29 -15.74
N GLU A 120 1.47 38.92 -15.96
CA GLU A 120 0.34 39.52 -15.27
C GLU A 120 -0.81 38.53 -15.18
N TRP A 121 -1.55 38.63 -14.08
CA TRP A 121 -2.76 37.84 -13.84
C TRP A 121 -4.01 38.47 -14.44
N LYS A 122 -4.93 37.62 -14.91
CA LYS A 122 -6.24 38.08 -15.32
C LYS A 122 -7.31 37.22 -14.65
N PHE A 123 -8.25 37.89 -13.98
CA PHE A 123 -9.44 37.25 -13.44
C PHE A 123 -10.42 36.90 -14.55
N LEU A 124 -10.78 35.63 -14.66
CA LEU A 124 -11.63 35.18 -15.77
C LEU A 124 -13.05 34.84 -15.34
N THR A 125 -13.21 34.08 -14.27
CA THR A 125 -14.54 33.66 -13.84
C THR A 125 -14.66 33.64 -12.32
N LYS A 126 -15.70 34.29 -11.81
CA LYS A 126 -16.05 34.14 -10.41
C LYS A 126 -16.70 32.78 -10.23
N LEU A 127 -16.14 31.97 -9.33
CA LEU A 127 -16.64 30.61 -9.13
C LEU A 127 -17.76 30.57 -8.13
N ASP A 128 -18.54 29.49 -8.18
CA ASP A 128 -19.62 29.21 -7.25
C ASP A 128 -20.84 30.09 -7.42
N GLU A 129 -21.00 30.70 -8.60
CA GLU A 129 -22.22 31.45 -8.82
C GLU A 129 -23.24 30.51 -9.45
N LYS A 130 -24.51 30.85 -9.33
CA LYS A 130 -25.59 30.09 -9.94
C LYS A 130 -25.45 29.93 -11.46
N GLY A 131 -25.47 28.69 -11.94
CA GLY A 131 -25.45 28.47 -13.38
C GLY A 131 -24.08 28.57 -14.01
N GLY A 132 -23.07 28.81 -13.18
CA GLY A 132 -21.71 28.96 -13.63
C GLY A 132 -20.89 27.83 -13.05
N PRO A 133 -19.59 27.78 -13.37
CA PRO A 133 -18.79 26.69 -12.78
C PRO A 133 -18.70 26.86 -11.26
N GLU A 134 -18.76 25.74 -10.54
CA GLU A 134 -18.72 25.77 -9.08
C GLU A 134 -17.30 25.91 -8.53
N ALA A 135 -17.21 26.43 -7.30
CA ALA A 135 -15.98 26.38 -6.55
C ALA A 135 -15.67 24.92 -6.30
N ARG A 136 -14.43 24.52 -6.55
CA ARG A 136 -14.02 23.14 -6.28
C ARG A 136 -12.64 23.13 -5.68
N THR A 137 -12.38 22.12 -4.85
CA THR A 137 -11.05 21.87 -4.33
C THR A 137 -10.78 20.37 -4.44
N PHE A 138 -9.52 20.00 -4.66
CA PHE A 138 -9.11 18.61 -4.87
C PHE A 138 -9.74 18.07 -6.14
N HIS A 139 -10.14 18.97 -7.03
CA HIS A 139 -10.48 18.62 -8.40
C HIS A 139 -9.25 18.26 -9.20
N SER A 140 -9.48 17.80 -10.42
CA SER A 140 -8.40 17.52 -11.35
C SER A 140 -8.59 18.41 -12.57
N MET A 141 -7.51 18.66 -13.28
CA MET A 141 -7.57 19.50 -14.46
C MET A 141 -6.73 18.95 -15.60
N THR A 142 -7.16 19.23 -16.82
CA THR A 142 -6.36 18.96 -17.99
C THR A 142 -6.77 19.97 -19.04
N SER A 143 -6.25 19.82 -20.26
CA SER A 143 -6.46 20.83 -21.27
C SER A 143 -6.12 20.29 -22.65
N ASP A 144 -6.62 20.99 -23.66
CA ASP A 144 -6.21 20.76 -25.05
C ASP A 144 -6.06 22.10 -25.76
N GLU A 145 -6.14 22.09 -27.10
CA GLU A 145 -5.77 23.26 -27.88
C GLU A 145 -6.63 24.48 -27.55
N ASN A 146 -7.90 24.25 -27.22
CA ASN A 146 -8.84 25.34 -27.02
C ASN A 146 -9.69 25.17 -25.77
N HIS A 147 -9.34 24.21 -24.92
CA HIS A 147 -10.08 24.04 -23.69
C HIS A 147 -9.24 23.82 -22.45
N VAL A 148 -9.76 24.33 -21.34
CA VAL A 148 -9.31 23.96 -20.03
C VAL A 148 -10.43 23.10 -19.44
N TYR A 149 -10.08 21.97 -18.85
CA TYR A 149 -11.09 21.05 -18.34
C TYR A 149 -10.93 20.84 -16.84
N VAL A 150 -12.04 20.83 -16.13
CA VAL A 150 -12.03 20.55 -14.71
C VAL A 150 -12.92 19.37 -14.35
N PHE A 151 -12.38 18.36 -13.68
CA PHE A 151 -13.19 17.24 -13.28
C PHE A 151 -13.22 17.08 -11.76
N GLY A 152 -14.41 16.82 -11.23
CA GLY A 152 -14.55 16.33 -9.87
C GLY A 152 -14.13 17.32 -8.81
N GLY A 153 -13.67 16.77 -7.69
CA GLY A 153 -13.25 17.47 -6.49
C GLY A 153 -14.41 17.67 -5.54
N VAL A 154 -14.17 18.37 -4.43
CA VAL A 154 -15.24 18.47 -3.45
C VAL A 154 -15.75 19.88 -3.14
N SER A 155 -17.07 20.04 -3.09
CA SER A 155 -17.71 21.31 -2.81
C SER A 155 -17.73 21.45 -1.30
N LYS A 156 -18.17 22.58 -0.76
CA LYS A 156 -18.39 22.69 0.70
C LYS A 156 -19.09 24.01 1.00
N GLY A 157 -20.16 23.91 1.78
CA GLY A 157 -20.95 25.06 2.23
C GLY A 157 -20.36 25.94 3.31
N GLY A 158 -20.41 25.43 4.53
CA GLY A 158 -19.77 25.99 5.71
C GLY A 158 -18.95 24.97 6.48
N LEU A 159 -18.35 25.42 7.57
CA LEU A 159 -17.48 24.59 8.42
C LEU A 159 -18.09 23.20 8.72
N ASN A 160 -19.35 23.15 9.14
CA ASN A 160 -19.89 21.87 9.60
C ASN A 160 -20.82 21.26 8.54
N ALA A 161 -20.70 21.76 7.32
CA ALA A 161 -21.41 21.31 6.12
C ALA A 161 -21.00 19.89 5.73
N THR A 162 -21.89 19.16 5.07
CA THR A 162 -21.48 17.92 4.42
C THR A 162 -21.15 18.18 2.94
N PRO A 163 -19.85 18.42 2.67
CA PRO A 163 -19.19 18.66 1.39
C PRO A 163 -19.46 17.50 0.44
N PHE A 164 -19.54 17.73 -0.87
CA PHE A 164 -19.73 16.57 -1.73
C PHE A 164 -18.77 16.63 -2.90
N ARG A 165 -18.69 15.51 -3.61
CA ARG A 165 -17.89 15.40 -4.82
C ARG A 165 -18.65 15.60 -6.13
N PHE A 166 -17.93 15.95 -7.17
CA PHE A 166 -18.51 16.13 -8.49
C PHE A 166 -18.17 14.91 -9.37
N ARG A 167 -19.06 14.57 -10.29
CA ARG A 167 -18.76 13.62 -11.36
C ARG A 167 -18.78 14.31 -12.71
N THR A 168 -18.90 15.62 -12.69
CA THR A 168 -19.00 16.40 -13.91
C THR A 168 -17.71 17.03 -14.36
N ILE A 169 -17.67 17.40 -15.64
CA ILE A 169 -16.57 18.18 -16.19
C ILE A 169 -17.09 19.56 -16.56
N GLU A 170 -16.38 20.59 -16.10
CA GLU A 170 -16.60 21.94 -16.59
C GLU A 170 -15.55 22.23 -17.64
N ALA A 171 -15.99 22.80 -18.76
CA ALA A 171 -15.11 23.05 -19.89
C ALA A 171 -15.12 24.52 -20.22
N TYR A 172 -13.93 25.12 -20.23
CA TYR A 172 -13.79 26.52 -20.56
C TYR A 172 -13.29 26.67 -21.99
N ASN A 173 -14.12 27.27 -22.83
CA ASN A 173 -13.73 27.57 -24.19
C ASN A 173 -12.91 28.85 -24.17
N ILE A 174 -11.62 28.71 -24.45
CA ILE A 174 -10.67 29.80 -24.32
C ILE A 174 -11.04 30.87 -25.34
N ALA A 175 -11.31 30.43 -26.56
CA ALA A 175 -11.66 31.35 -27.63
C ALA A 175 -12.93 32.13 -27.30
N GLU A 176 -13.92 31.46 -26.72
CA GLU A 176 -15.19 32.13 -26.43
C GLU A 176 -15.17 32.84 -25.08
N GLY A 177 -14.25 32.44 -24.21
CA GLY A 177 -14.21 32.95 -22.85
C GLY A 177 -15.46 32.52 -22.11
N LYS A 178 -15.86 31.27 -22.32
CA LYS A 178 -17.14 30.77 -21.80
C LYS A 178 -17.04 29.39 -21.15
N TRP A 179 -17.72 29.21 -20.02
CA TRP A 179 -17.80 27.88 -19.40
C TRP A 179 -19.05 27.14 -19.86
N ALA A 180 -18.90 25.82 -19.98
CA ALA A 180 -20.04 24.93 -20.15
C ALA A 180 -19.76 23.61 -19.43
N GLN A 181 -20.81 22.99 -18.89
CA GLN A 181 -20.65 21.66 -18.33
C GLN A 181 -20.82 20.62 -19.42
N LEU A 182 -19.93 19.63 -19.44
CA LEU A 182 -20.02 18.54 -20.40
C LEU A 182 -21.11 17.58 -19.95
N PRO A 183 -21.58 16.70 -20.86
CA PRO A 183 -22.59 15.71 -20.49
C PRO A 183 -22.26 14.94 -19.22
N ASP A 184 -23.27 14.83 -18.35
CA ASP A 184 -23.15 14.13 -17.09
C ASP A 184 -23.14 12.63 -17.36
N PRO A 185 -22.11 11.94 -16.86
CA PRO A 185 -21.95 10.50 -17.10
C PRO A 185 -22.96 9.69 -16.31
N GLY A 186 -23.69 10.35 -15.41
CA GLY A 186 -24.79 9.72 -14.71
C GLY A 186 -24.43 9.04 -13.41
N GLU A 187 -25.45 8.43 -12.79
CA GLU A 187 -25.39 7.90 -11.44
C GLU A 187 -24.41 6.74 -11.27
N ASP A 188 -24.16 6.01 -12.36
CA ASP A 188 -23.28 4.84 -12.31
C ASP A 188 -21.81 5.21 -12.30
N PHE A 189 -21.53 6.50 -12.41
CA PHE A 189 -20.18 7.02 -12.56
C PHE A 189 -19.82 7.62 -11.21
N GLU A 190 -18.66 7.29 -10.67
CA GLU A 190 -18.34 7.72 -9.31
C GLU A 190 -17.96 9.19 -9.30
N LYS A 191 -18.55 9.93 -8.37
CA LYS A 191 -18.10 11.26 -8.02
C LYS A 191 -16.78 11.15 -7.26
N ARG A 192 -15.78 11.93 -7.67
CA ARG A 192 -14.43 11.70 -7.17
C ARG A 192 -13.61 12.98 -7.07
N GLY A 193 -12.76 13.00 -6.05
CA GLY A 193 -11.69 13.97 -5.93
C GLY A 193 -10.37 13.29 -6.19
N MET A 194 -9.33 14.08 -6.48
CA MET A 194 -7.98 13.57 -6.73
C MET A 194 -7.94 12.42 -7.72
N ALA A 195 -8.78 12.50 -8.74
CA ALA A 195 -8.80 11.48 -9.79
C ALA A 195 -7.75 11.78 -10.85
N GLY A 196 -7.34 10.74 -11.58
CA GLY A 196 -6.56 10.95 -12.78
C GLY A 196 -7.44 11.58 -13.84
N PHE A 197 -6.91 12.59 -14.52
CA PHE A 197 -7.67 13.25 -15.57
C PHE A 197 -6.69 13.77 -16.63
N LEU A 198 -6.82 13.26 -17.85
CA LEU A 198 -5.89 13.57 -18.93
C LEU A 198 -6.54 13.57 -20.30
N VAL A 199 -6.00 14.37 -21.20
CA VAL A 199 -6.30 14.20 -22.62
C VAL A 199 -5.30 13.22 -23.23
N VAL A 200 -5.83 12.19 -23.87
CA VAL A 200 -5.00 11.17 -24.51
C VAL A 200 -5.49 10.97 -25.93
N GLN A 201 -4.60 11.21 -26.89
CA GLN A 201 -4.90 11.05 -28.31
C GLN A 201 -6.29 11.58 -28.67
N GLY A 202 -6.57 12.81 -28.22
CA GLY A 202 -7.78 13.54 -28.56
C GLY A 202 -9.02 13.31 -27.70
N LYS A 203 -8.95 12.40 -26.75
CA LYS A 203 -10.09 12.12 -25.89
C LYS A 203 -9.78 12.41 -24.42
N LEU A 204 -10.81 12.64 -23.62
CA LEU A 204 -10.60 12.91 -22.20
C LEU A 204 -10.77 11.62 -21.42
N TRP A 205 -9.75 11.29 -20.62
CA TRP A 205 -9.78 10.12 -19.76
C TRP A 205 -9.86 10.45 -18.28
N VAL A 206 -10.78 9.78 -17.60
CA VAL A 206 -10.91 9.85 -16.15
C VAL A 206 -10.68 8.46 -15.58
N PHE A 207 -9.81 8.37 -14.58
CA PHE A 207 -9.35 7.07 -14.10
C PHE A 207 -8.96 7.12 -12.63
N TYR A 208 -9.43 6.13 -11.88
CA TYR A 208 -9.11 5.96 -10.46
C TYR A 208 -9.57 7.18 -9.67
N GLY A 209 -8.93 7.43 -8.52
CA GLY A 209 -9.32 8.59 -7.73
C GLY A 209 -10.02 8.18 -6.45
N PHE A 210 -10.54 9.17 -5.73
CA PHE A 210 -11.14 8.95 -4.42
C PHE A 210 -12.64 9.16 -4.51
N ALA A 211 -13.41 8.07 -4.36
CA ALA A 211 -14.82 8.11 -4.73
C ALA A 211 -15.82 8.23 -3.58
N THR A 212 -16.89 8.98 -3.85
CA THR A 212 -18.12 8.91 -3.09
C THR A 212 -18.85 7.66 -3.55
N ALA A 213 -19.40 6.89 -2.63
CA ALA A 213 -20.13 5.69 -3.01
C ALA A 213 -21.53 6.02 -3.53
N ASN A 214 -21.96 5.25 -4.53
CA ASN A 214 -23.32 5.32 -5.04
C ASN A 214 -23.99 3.98 -4.82
N ASP A 215 -23.89 3.49 -3.59
CA ASP A 215 -24.44 2.22 -3.18
C ASP A 215 -24.42 2.21 -1.66
N PRO A 216 -25.59 2.32 -1.02
CA PRO A 216 -25.66 2.32 0.45
C PRO A 216 -25.14 1.03 1.08
N LYS A 217 -24.94 -0.01 0.27
CA LYS A 217 -24.45 -1.30 0.74
C LYS A 217 -22.94 -1.33 1.00
N ILE A 218 -22.20 -0.39 0.41
CA ILE A 218 -20.77 -0.29 0.67
C ILE A 218 -20.55 0.16 2.10
N PRO A 219 -19.79 -0.63 2.87
CA PRO A 219 -19.60 -0.30 4.29
C PRO A 219 -18.65 0.87 4.49
N THR A 220 -18.78 1.52 5.63
CA THR A 220 -17.86 2.59 6.03
C THR A 220 -16.48 2.09 6.44
N LEU A 221 -15.49 2.95 6.22
CA LEU A 221 -14.17 2.78 6.80
C LEU A 221 -13.85 4.10 7.50
N TYR A 222 -13.45 4.04 8.77
CA TYR A 222 -13.23 5.24 9.57
C TYR A 222 -14.43 6.19 9.54
N GLY A 223 -15.64 5.63 9.49
CA GLY A 223 -16.86 6.41 9.58
C GLY A 223 -17.39 6.93 8.26
N SER A 224 -16.70 6.60 7.17
CA SER A 224 -17.10 7.07 5.85
C SER A 224 -17.04 5.90 4.85
N GLN A 225 -17.94 5.89 3.87
CA GLN A 225 -17.89 4.88 2.81
C GLN A 225 -16.84 5.13 1.75
N ASP A 226 -16.24 6.32 1.79
CA ASP A 226 -15.31 6.76 0.75
C ASP A 226 -14.22 5.72 0.53
N TYR A 227 -13.82 5.52 -0.73
CA TYR A 227 -12.90 4.44 -1.05
C TYR A 227 -12.06 4.81 -2.27
N GLU A 228 -11.04 4.03 -2.53
CA GLU A 228 -10.16 4.28 -3.66
C GLU A 228 -10.76 3.63 -4.92
N SER A 229 -10.91 4.40 -6.00
CA SER A 229 -11.46 3.85 -7.23
C SER A 229 -10.38 3.17 -8.08
N ASN A 230 -10.80 2.24 -8.94
CA ASN A 230 -9.94 1.70 -9.98
C ASN A 230 -10.64 1.67 -11.32
N ARG A 231 -11.64 2.54 -11.49
CA ARG A 231 -12.42 2.55 -12.72
C ARG A 231 -11.90 3.60 -13.70
N VAL A 232 -12.16 3.36 -14.97
CA VAL A 232 -11.60 4.15 -16.06
C VAL A 232 -12.69 4.48 -17.06
N HIS A 233 -12.82 5.77 -17.37
CA HIS A 233 -13.76 6.22 -18.36
C HIS A 233 -13.08 7.13 -19.35
N CYS A 234 -13.65 7.23 -20.54
CA CYS A 234 -13.15 8.16 -21.54
C CYS A 234 -14.31 8.89 -22.18
N TYR A 235 -14.07 10.17 -22.45
CA TYR A 235 -15.05 11.05 -23.05
C TYR A 235 -14.50 11.52 -24.38
N ASP A 236 -15.31 11.34 -25.41
CA ASP A 236 -14.96 11.76 -26.76
C ASP A 236 -15.69 13.04 -27.13
N PRO A 237 -14.94 14.14 -27.25
CA PRO A 237 -15.55 15.43 -27.61
C PRO A 237 -16.23 15.35 -28.98
N ALA A 238 -15.82 14.38 -29.80
CA ALA A 238 -16.30 14.33 -31.17
C ALA A 238 -17.75 13.86 -31.17
N THR A 239 -18.11 13.11 -30.13
CA THR A 239 -19.45 12.55 -30.03
C THR A 239 -20.16 13.01 -28.76
N GLN A 240 -19.39 13.57 -27.82
CA GLN A 240 -19.90 14.00 -26.51
C GLN A 240 -20.45 12.82 -25.73
N LYS A 241 -19.87 11.64 -25.95
CA LYS A 241 -20.33 10.42 -25.30
C LYS A 241 -19.32 9.88 -24.31
N TRP A 242 -19.83 9.32 -23.20
CA TRP A 242 -19.00 8.65 -22.21
C TRP A 242 -18.96 7.14 -22.42
N THR A 243 -17.80 6.55 -22.16
CA THR A 243 -17.66 5.10 -22.16
C THR A 243 -16.81 4.66 -20.98
N GLU A 244 -17.21 3.58 -20.33
CA GLU A 244 -16.38 2.93 -19.33
C GLU A 244 -15.45 1.93 -19.98
N VAL A 245 -14.20 1.95 -19.56
CA VAL A 245 -13.15 1.19 -20.23
C VAL A 245 -12.71 0.07 -19.30
N GLU A 246 -12.77 -1.15 -19.80
CA GLU A 246 -12.30 -2.30 -19.04
C GLU A 246 -10.81 -2.48 -19.30
N THR A 247 -10.01 -2.26 -18.26
CA THR A 247 -8.57 -2.36 -18.40
C THR A 247 -8.07 -3.63 -17.72
N THR A 248 -6.94 -4.14 -18.20
CA THR A 248 -6.49 -5.47 -17.87
C THR A 248 -5.01 -5.50 -17.50
N GLY A 249 -4.54 -6.67 -17.10
CA GLY A 249 -3.11 -6.89 -16.91
C GLY A 249 -2.81 -7.49 -15.55
N PHE A 250 -1.82 -8.37 -15.52
CA PHE A 250 -1.33 -8.90 -14.26
C PHE A 250 -0.90 -7.78 -13.33
N GLU A 251 -0.30 -6.74 -13.91
CA GLU A 251 0.18 -5.61 -13.12
C GLU A 251 -0.79 -4.44 -13.13
N LYS A 252 -2.08 -4.70 -13.30
CA LYS A 252 -3.06 -3.65 -13.07
C LYS A 252 -2.92 -3.14 -11.63
N PRO A 253 -2.79 -1.82 -11.47
CA PRO A 253 -2.55 -1.26 -10.13
C PRO A 253 -3.79 -1.40 -9.22
N SER A 254 -3.55 -1.68 -7.96
CA SER A 254 -4.60 -1.64 -6.94
C SER A 254 -5.22 -0.26 -6.85
N ARG A 255 -6.44 -0.22 -6.31
CA ARG A 255 -7.20 1.01 -6.14
C ARG A 255 -6.34 2.09 -5.50
N ARG A 256 -6.45 3.33 -5.99
CA ARG A 256 -5.63 4.42 -5.46
C ARG A 256 -6.08 5.79 -5.91
N SER A 257 -5.56 6.81 -5.24
CA SER A 257 -5.89 8.21 -5.51
C SER A 257 -4.66 9.08 -5.30
N CYS A 258 -4.84 10.37 -5.55
CA CYS A 258 -3.81 11.40 -5.38
C CYS A 258 -2.44 10.92 -5.86
N PHE A 259 -2.40 10.51 -7.11
CA PHE A 259 -1.16 10.06 -7.73
C PHE A 259 -0.69 11.05 -8.80
N ALA A 260 0.60 11.02 -9.09
CA ALA A 260 1.13 11.71 -10.26
C ALA A 260 0.57 11.06 -11.53
N HIS A 261 0.24 11.87 -12.52
CA HIS A 261 -0.16 11.31 -13.81
C HIS A 261 0.06 12.27 -14.97
N ALA A 262 0.40 11.71 -16.12
CA ALA A 262 0.65 12.47 -17.34
C ALA A 262 0.36 11.57 -18.53
N ALA A 263 0.09 12.19 -19.68
CA ALA A 263 -0.11 11.44 -20.91
C ALA A 263 1.09 11.59 -21.85
N VAL A 264 1.57 10.45 -22.35
CA VAL A 264 2.59 10.44 -23.38
C VAL A 264 2.18 9.49 -24.50
N GLY A 265 1.81 10.06 -25.64
CA GLY A 265 1.28 9.28 -26.75
C GLY A 265 0.09 8.44 -26.33
N LYS A 266 0.17 7.13 -26.57
CA LYS A 266 -0.92 6.23 -26.22
C LYS A 266 -0.92 5.86 -24.74
N TYR A 267 0.13 6.23 -24.02
CA TYR A 267 0.23 5.86 -22.61
C TYR A 267 -0.32 6.88 -21.63
N ILE A 268 -1.05 6.38 -20.64
CA ILE A 268 -1.33 7.13 -19.42
C ILE A 268 -0.34 6.63 -18.38
N ILE A 269 0.48 7.54 -17.87
CA ILE A 269 1.54 7.15 -16.96
C ILE A 269 1.30 7.70 -15.55
N ILE A 270 1.30 6.81 -14.56
CA ILE A 270 1.08 7.25 -13.18
C ILE A 270 2.20 6.79 -12.24
N PHE A 271 2.32 7.50 -11.12
CA PHE A 271 3.25 7.13 -10.06
C PHE A 271 2.73 7.53 -8.69
N GLY A 272 2.90 6.63 -7.72
CA GLY A 272 2.62 6.93 -6.33
C GLY A 272 1.15 6.96 -6.03
N GLY A 273 0.77 7.67 -4.99
CA GLY A 273 -0.64 7.84 -4.67
C GLY A 273 -1.02 7.18 -3.36
N GLU A 274 -2.16 7.58 -2.82
CA GLU A 274 -2.73 6.97 -1.64
C GLU A 274 -3.39 5.63 -2.02
N ILE A 275 -2.90 4.55 -1.42
CA ILE A 275 -3.50 3.23 -1.61
C ILE A 275 -4.31 2.74 -0.41
N GLU A 276 -4.12 3.35 0.76
CA GLU A 276 -5.00 3.09 1.88
C GLU A 276 -5.35 4.41 2.55
N ARG A 277 -6.60 4.55 2.96
CA ARG A 277 -7.04 5.75 3.66
C ARG A 277 -6.36 5.93 5.01
N ASP A 278 -6.12 7.18 5.39
CA ASP A 278 -5.74 7.52 6.74
C ASP A 278 -6.97 7.50 7.64
N PRO A 279 -6.82 7.04 8.90
CA PRO A 279 -7.94 7.08 9.84
C PRO A 279 -8.48 8.50 10.09
N GLU A 280 -7.65 9.51 9.88
CA GLU A 280 -8.04 10.90 10.16
C GLU A 280 -8.01 11.78 8.91
N ALA A 281 -8.55 11.27 7.81
CA ALA A 281 -8.78 12.05 6.58
C ALA A 281 -7.46 12.51 5.95
N HIS A 282 -7.15 13.82 6.05
CA HIS A 282 -5.90 14.32 5.49
C HIS A 282 -4.89 14.65 6.57
N GLN A 283 -5.22 14.34 7.82
CA GLN A 283 -4.32 14.63 8.93
C GLN A 283 -3.04 13.81 8.85
N GLY A 284 -3.19 12.50 8.69
CA GLY A 284 -2.03 11.64 8.51
C GLY A 284 -1.85 11.30 7.04
N PRO A 285 -0.79 10.54 6.73
CA PRO A 285 -0.44 10.27 5.33
C PRO A 285 -1.12 9.04 4.76
N GLY A 286 -1.84 8.29 5.58
CA GLY A 286 -2.43 7.04 5.15
C GLY A 286 -1.32 6.09 4.73
N THR A 287 -1.54 5.39 3.62
CA THR A 287 -0.51 4.54 3.03
C THR A 287 -0.26 4.98 1.59
N LEU A 288 1.00 5.27 1.26
CA LEU A 288 1.33 5.80 -0.05
C LEU A 288 2.16 4.81 -0.85
N SER A 289 1.94 4.78 -2.16
CA SER A 289 2.65 3.88 -3.04
C SER A 289 3.99 4.44 -3.51
N ARG A 290 4.95 3.55 -3.75
CA ARG A 290 6.22 3.93 -4.37
C ARG A 290 6.34 3.32 -5.76
N GLU A 291 5.20 2.95 -6.35
CA GLU A 291 5.25 2.25 -7.63
C GLU A 291 4.64 3.06 -8.75
N GLY A 292 5.15 2.79 -9.95
CA GLY A 292 4.71 3.44 -11.18
C GLY A 292 3.99 2.47 -12.08
N PHE A 293 2.87 2.90 -12.63
CA PHE A 293 2.11 2.09 -13.56
C PHE A 293 1.77 2.91 -14.77
N ALA A 294 1.63 2.23 -15.91
CA ALA A 294 1.22 2.88 -17.14
C ALA A 294 0.12 2.09 -17.81
N LEU A 295 -0.84 2.81 -18.38
CA LEU A 295 -1.91 2.17 -19.13
C LEU A 295 -1.76 2.46 -20.61
N ASP A 296 -1.65 1.40 -21.40
CA ASP A 296 -1.69 1.50 -22.84
C ASP A 296 -3.15 1.63 -23.24
N THR A 297 -3.54 2.79 -23.76
CA THR A 297 -4.96 3.06 -24.00
C THR A 297 -5.43 2.38 -25.28
N GLU A 298 -4.52 1.72 -25.98
CA GLU A 298 -4.87 0.98 -27.20
C GLU A 298 -5.12 -0.49 -26.89
N THR A 299 -4.26 -1.10 -26.07
CA THR A 299 -4.42 -2.50 -25.73
C THR A 299 -5.26 -2.65 -24.47
N LEU A 300 -5.33 -1.56 -23.69
CA LEU A 300 -6.10 -1.50 -22.45
C LEU A 300 -5.39 -2.31 -21.36
N VAL A 301 -4.11 -2.53 -21.56
CA VAL A 301 -3.31 -3.30 -20.62
C VAL A 301 -2.50 -2.38 -19.72
N TRP A 302 -2.55 -2.67 -18.42
CA TRP A 302 -1.69 -2.03 -17.42
C TRP A 302 -0.39 -2.78 -17.28
N GLU A 303 0.68 -2.03 -17.04
CA GLU A 303 1.96 -2.60 -16.67
C GLU A 303 2.71 -1.69 -15.71
N ARG A 304 3.47 -2.28 -14.78
CA ARG A 304 4.42 -1.48 -14.01
C ARG A 304 5.48 -0.95 -14.96
N TYR A 305 6.12 0.14 -14.58
CA TYR A 305 7.33 0.56 -15.27
C TYR A 305 8.44 0.75 -14.25
N GLU A 306 9.68 0.68 -14.72
CA GLU A 306 10.82 0.90 -13.85
C GLU A 306 11.72 1.90 -14.57
N GLY A 307 12.58 2.59 -13.82
CA GLY A 307 13.32 3.69 -14.38
C GLY A 307 14.77 3.79 -13.96
N GLY A 308 15.39 2.65 -13.68
CA GLY A 308 16.80 2.63 -13.34
C GLY A 308 17.05 2.84 -11.85
N PRO A 309 18.25 3.30 -11.50
CA PRO A 309 18.70 3.35 -10.10
C PRO A 309 17.94 4.35 -9.25
N ILE A 310 17.38 5.40 -9.84
CA ILE A 310 16.65 6.37 -9.06
C ILE A 310 15.23 5.90 -8.82
N LYS A 311 14.90 5.66 -7.55
CA LYS A 311 13.57 5.18 -7.22
C LYS A 311 12.94 6.11 -6.21
N PRO A 312 12.01 6.96 -6.66
CA PRO A 312 11.34 7.88 -5.73
C PRO A 312 10.60 7.13 -4.64
N SER A 313 10.69 7.64 -3.41
CA SER A 313 10.06 7.01 -2.27
C SER A 313 8.55 7.24 -2.26
N ASN A 314 7.86 6.52 -1.36
CA ASN A 314 6.41 6.58 -1.26
C ASN A 314 5.92 8.02 -1.14
N ARG A 315 4.97 8.40 -1.98
CA ARG A 315 4.43 9.73 -1.94
C ARG A 315 3.08 9.83 -2.63
N GLY A 316 2.32 10.85 -2.26
CA GLY A 316 1.06 11.14 -2.91
C GLY A 316 0.77 12.61 -2.72
N TRP A 317 -0.32 13.10 -3.32
CA TRP A 317 -0.72 14.49 -3.22
C TRP A 317 0.34 15.38 -3.84
N VAL A 318 1.05 14.80 -4.80
CA VAL A 318 2.08 15.52 -5.54
C VAL A 318 1.43 16.40 -6.59
N ALA A 319 2.18 17.33 -7.14
CA ALA A 319 1.76 17.98 -8.37
C ALA A 319 2.45 17.28 -9.52
N SER A 320 1.76 17.21 -10.65
CA SER A 320 2.31 16.53 -11.82
C SER A 320 1.81 17.18 -13.10
N THR A 321 2.52 16.94 -14.18
CA THR A 321 2.12 17.42 -15.49
C THR A 321 2.92 16.69 -16.56
N THR A 322 2.60 16.96 -17.83
CA THR A 322 3.42 16.43 -18.91
C THR A 322 4.36 17.55 -19.34
N THR A 323 5.62 17.19 -19.54
CA THR A 323 6.55 18.08 -20.22
C THR A 323 7.66 17.33 -20.95
N THR A 324 8.56 18.09 -21.57
CA THR A 324 9.71 17.51 -22.24
C THR A 324 10.99 18.03 -21.63
N ILE A 325 11.88 17.12 -21.23
CA ILE A 325 13.16 17.50 -20.64
C ILE A 325 14.29 16.74 -21.33
N ASN A 326 15.29 17.49 -21.80
CA ASN A 326 16.42 16.92 -22.55
C ASN A 326 15.94 16.03 -23.69
N GLY A 327 14.90 16.50 -24.36
CA GLY A 327 14.35 15.89 -25.55
C GLY A 327 13.44 14.68 -25.35
N LYS A 328 13.10 14.40 -24.09
CA LYS A 328 12.27 13.25 -23.79
C LYS A 328 10.95 13.65 -23.10
N LYS A 329 9.81 13.25 -23.64
CA LYS A 329 8.56 13.51 -22.91
C LYS A 329 8.51 12.54 -21.74
N GLY A 330 7.80 12.93 -20.69
CA GLY A 330 7.61 12.06 -19.56
C GLY A 330 6.78 12.67 -18.46
N LEU A 331 6.80 12.04 -17.30
CA LEU A 331 6.00 12.45 -16.17
C LEU A 331 6.86 13.20 -15.16
N LEU A 332 6.48 14.44 -14.89
CA LEU A 332 7.16 15.27 -13.92
C LEU A 332 6.40 15.30 -12.59
N VAL A 333 7.13 15.06 -11.51
CA VAL A 333 6.55 14.97 -10.18
C VAL A 333 7.21 15.99 -9.24
N HIS A 334 6.40 16.79 -8.58
CA HIS A 334 6.92 17.82 -7.68
C HIS A 334 6.15 17.82 -6.37
N GLY A 335 6.87 17.89 -5.26
CA GLY A 335 6.24 18.01 -3.95
C GLY A 335 5.46 16.78 -3.52
N GLY A 336 4.45 17.00 -2.69
CA GLY A 336 3.64 15.93 -2.16
C GLY A 336 3.91 15.69 -0.68
N LYS A 337 3.24 14.68 -0.11
CA LYS A 337 3.56 14.26 1.25
C LYS A 337 4.21 12.88 1.26
N LEU A 338 5.02 12.65 2.28
CA LEU A 338 5.75 11.40 2.41
C LEU A 338 5.12 10.60 3.54
N MET A 339 5.54 9.35 3.69
CA MET A 339 4.99 8.49 4.73
C MET A 339 5.40 8.95 6.12
N THR A 340 6.37 9.85 6.20
CA THR A 340 6.68 10.52 7.46
C THR A 340 5.63 11.58 7.81
N ASN A 341 4.73 11.84 6.85
CA ASN A 341 3.73 12.90 6.90
C ASN A 341 4.31 14.30 6.70
N GLU A 342 5.60 14.38 6.38
CA GLU A 342 6.20 15.66 6.04
C GLU A 342 5.94 15.95 4.57
N ARG A 343 5.83 17.23 4.20
CA ARG A 343 5.91 17.60 2.80
C ARG A 343 7.34 17.57 2.28
N THR A 344 7.48 17.42 0.96
CA THR A 344 8.78 17.41 0.30
C THR A 344 8.87 18.52 -0.75
N ASP A 345 10.09 19.01 -0.99
CA ASP A 345 10.33 19.93 -2.11
C ASP A 345 10.97 19.21 -3.29
N GLU A 346 11.08 17.90 -3.20
CA GLU A 346 11.76 17.12 -4.23
C GLU A 346 11.00 17.13 -5.54
N MET A 347 11.76 17.09 -6.64
CA MET A 347 11.20 17.05 -7.97
C MET A 347 11.82 15.92 -8.77
N TYR A 348 10.97 15.09 -9.36
CA TYR A 348 11.42 13.97 -10.15
C TYR A 348 10.81 13.99 -11.55
N PHE A 349 11.56 13.47 -12.52
CA PHE A 349 11.07 13.37 -13.89
C PHE A 349 11.31 11.96 -14.39
N PHE A 350 10.26 11.30 -14.87
CA PHE A 350 10.42 10.03 -15.54
C PHE A 350 10.48 10.26 -17.04
N ALA A 351 11.68 10.12 -17.60
CA ALA A 351 11.89 10.38 -19.01
C ALA A 351 11.63 9.13 -19.84
N VAL A 352 10.64 9.20 -20.73
CA VAL A 352 10.31 8.06 -21.56
C VAL A 352 11.30 7.94 -22.70
N ASN A 353 11.83 6.75 -22.90
CA ASN A 353 12.76 6.48 -23.99
C ASN A 353 12.12 5.80 -25.19
N SER A 354 11.14 4.94 -24.94
CA SER A 354 10.53 4.16 -26.01
C SER A 354 9.41 4.89 -26.72
N SER A 355 8.96 4.31 -27.84
CA SER A 355 7.91 4.91 -28.64
C SER A 355 6.58 4.84 -27.91
N THR A 356 5.70 5.79 -28.18
CA THR A 356 4.42 5.88 -27.50
C THR A 356 3.29 6.05 -28.51
N THR B 12 -19.89 -7.89 9.07
CA THR B 12 -20.26 -9.22 9.55
C THR B 12 -19.33 -9.66 10.68
N LEU B 13 -18.03 -9.61 10.43
CA LEU B 13 -17.06 -9.92 11.48
C LEU B 13 -16.86 -8.68 12.34
N GLN B 14 -17.37 -8.70 13.56
CA GLN B 14 -17.28 -7.54 14.41
C GLN B 14 -16.31 -7.82 15.57
N GLY B 15 -15.59 -6.80 16.03
CA GLY B 15 -14.63 -6.98 17.11
C GLY B 15 -13.93 -5.70 17.54
N GLU B 16 -12.91 -5.84 18.40
CA GLU B 16 -12.24 -4.68 18.98
C GLU B 16 -10.72 -4.86 19.01
N TRP B 17 -10.00 -3.86 18.49
CA TRP B 17 -8.55 -3.84 18.63
C TRP B 17 -8.13 -3.33 20.00
N MET B 18 -7.18 -4.04 20.60
CA MET B 18 -6.64 -3.65 21.89
C MET B 18 -5.12 -3.61 21.82
N LYS B 19 -4.52 -2.62 22.47
CA LYS B 19 -3.09 -2.61 22.68
C LYS B 19 -2.77 -3.31 23.98
N VAL B 20 -1.97 -4.38 23.95
CA VAL B 20 -1.78 -5.09 25.18
C VAL B 20 -0.75 -4.29 25.95
N GLU B 21 -1.10 -3.87 27.16
CA GLU B 21 -0.18 -3.10 27.99
C GLU B 21 0.94 -4.05 28.43
N GLN B 22 2.19 -3.58 28.36
CA GLN B 22 3.31 -4.38 28.83
C GLN B 22 4.05 -3.67 29.96
N LYS B 23 3.89 -4.20 31.17
CA LYS B 23 4.31 -3.51 32.38
C LYS B 23 5.80 -3.65 32.61
N GLY B 24 6.35 -4.82 32.32
CA GLY B 24 7.79 -5.01 32.41
C GLY B 24 8.29 -6.43 32.58
N GLY B 25 9.36 -6.58 33.36
CA GLY B 25 10.02 -7.86 33.49
C GLY B 25 11.21 -7.87 32.56
N GLN B 26 11.56 -9.06 32.06
CA GLN B 26 12.66 -9.19 31.11
C GLN B 26 12.11 -9.06 29.70
N VAL B 27 11.77 -7.82 29.33
CA VAL B 27 11.05 -7.54 28.09
C VAL B 27 11.96 -7.71 26.87
N PRO B 28 11.45 -8.36 25.82
CA PRO B 28 12.28 -8.61 24.63
C PRO B 28 12.46 -7.36 23.78
N ALA B 29 13.68 -7.18 23.28
CA ALA B 29 13.98 -6.14 22.31
C ALA B 29 13.03 -6.21 21.12
N PRO B 30 12.75 -5.06 20.48
CA PRO B 30 11.88 -5.07 19.30
C PRO B 30 12.45 -5.97 18.21
N ARG B 31 11.57 -6.64 17.48
CA ARG B 31 12.00 -7.65 16.51
C ARG B 31 10.94 -7.88 15.43
N SER B 32 11.38 -8.33 14.27
CA SER B 32 10.46 -8.91 13.30
C SER B 32 10.83 -10.36 12.99
N SER B 33 10.04 -11.00 12.12
CA SER B 33 10.41 -12.27 11.51
C SER B 33 10.66 -13.38 12.57
N HIS B 34 9.85 -13.36 13.62
CA HIS B 34 10.03 -14.27 14.75
C HIS B 34 8.77 -15.09 14.98
N GLY B 35 8.81 -16.01 15.94
CA GLY B 35 7.65 -16.81 16.27
C GLY B 35 7.08 -16.61 17.65
N ILE B 36 5.75 -16.60 17.73
CA ILE B 36 5.02 -16.59 19.01
C ILE B 36 3.93 -17.66 19.04
N ALA B 37 3.58 -18.07 20.26
CA ALA B 37 2.46 -18.99 20.48
C ALA B 37 1.97 -18.89 21.92
N VAL B 38 0.72 -19.23 22.17
CA VAL B 38 0.20 -19.15 23.53
C VAL B 38 -0.19 -20.52 24.09
N ILE B 39 0.17 -20.75 25.35
CA ILE B 39 -0.33 -21.88 26.13
C ILE B 39 -0.88 -21.38 27.46
N GLY B 40 -2.15 -21.63 27.73
CA GLY B 40 -2.75 -21.13 28.96
C GLY B 40 -2.74 -19.61 29.00
N ASP B 41 -2.23 -19.04 30.10
CA ASP B 41 -2.18 -17.60 30.24
C ASP B 41 -0.82 -17.03 29.90
N LYS B 42 -0.02 -17.77 29.14
CA LYS B 42 1.32 -17.30 28.78
C LYS B 42 1.63 -17.23 27.29
N LEU B 43 2.19 -16.10 26.87
CA LEU B 43 2.69 -15.94 25.51
C LEU B 43 4.18 -16.28 25.49
N TYR B 44 4.59 -17.05 24.50
CA TYR B 44 6.00 -17.38 24.35
C TYR B 44 6.55 -16.76 23.07
N CYS B 45 7.80 -16.32 23.13
CA CYS B 45 8.41 -15.59 22.02
C CYS B 45 9.85 -16.02 21.78
N PHE B 46 10.17 -16.35 20.53
CA PHE B 46 11.49 -16.83 20.16
C PHE B 46 11.95 -16.34 18.79
N GLY B 47 13.23 -15.97 18.70
CA GLY B 47 13.82 -15.60 17.43
C GLY B 47 13.58 -14.15 17.12
N GLY B 48 13.97 -13.72 15.92
CA GLY B 48 13.72 -12.36 15.52
C GLY B 48 14.81 -11.69 14.71
N GLU B 49 14.43 -10.60 14.04
CA GLU B 49 15.33 -9.85 13.18
C GLU B 49 15.37 -8.39 13.63
N ASP B 50 16.59 -7.88 13.81
CA ASP B 50 16.88 -6.48 14.09
C ASP B 50 18.38 -6.33 14.38
N PRO B 51 19.07 -5.42 13.68
CA PRO B 51 18.67 -4.64 12.50
C PRO B 51 18.39 -5.54 11.29
N PRO B 52 18.03 -4.96 10.11
CA PRO B 52 17.76 -5.86 8.98
C PRO B 52 18.87 -6.86 8.72
N TYR B 53 18.49 -8.11 8.51
CA TYR B 53 19.37 -9.22 8.16
C TYR B 53 20.19 -9.69 9.36
N GLU B 54 19.96 -9.10 10.53
CA GLU B 54 20.69 -9.49 11.73
C GLU B 54 19.73 -10.15 12.74
N SER B 55 20.12 -11.32 13.25
CA SER B 55 19.41 -11.93 14.35
C SER B 55 19.77 -11.28 15.70
N ILE B 56 19.08 -11.69 16.75
CA ILE B 56 19.13 -10.96 18.02
C ILE B 56 19.60 -11.85 19.18
N ASP B 57 18.87 -12.92 19.45
CA ASP B 57 19.08 -13.73 20.63
C ASP B 57 18.52 -15.14 20.47
N ASN B 58 18.72 -15.97 21.48
CA ASN B 58 18.10 -17.29 21.49
C ASN B 58 17.41 -17.59 22.82
N ASP B 59 17.07 -16.54 23.56
CA ASP B 59 16.27 -16.69 24.77
C ASP B 59 14.83 -17.02 24.43
N LEU B 60 14.18 -17.74 25.33
CA LEU B 60 12.74 -17.95 25.21
C LEU B 60 12.02 -16.99 26.15
N TYR B 61 11.40 -15.96 25.58
CA TYR B 61 10.71 -14.98 26.40
C TYR B 61 9.29 -15.41 26.67
N VAL B 62 8.80 -15.09 27.86
CA VAL B 62 7.50 -15.53 28.32
C VAL B 62 6.70 -14.34 28.84
N PHE B 63 5.52 -14.12 28.26
CA PHE B 63 4.66 -13.04 28.71
C PHE B 63 3.44 -13.63 29.41
N ASP B 64 3.23 -13.23 30.66
CA ASP B 64 2.09 -13.69 31.42
C ASP B 64 0.96 -12.67 31.29
N PHE B 65 -0.18 -13.13 30.78
CA PHE B 65 -1.34 -12.26 30.57
C PHE B 65 -2.05 -11.89 31.86
N ASN B 66 -1.81 -12.62 32.93
CA ASN B 66 -2.42 -12.24 34.18
C ASN B 66 -1.66 -11.12 34.86
N THR B 67 -0.33 -11.16 34.77
CA THR B 67 0.52 -10.17 35.42
C THR B 67 0.96 -9.06 34.46
N HIS B 68 0.80 -9.30 33.16
CA HIS B 68 1.24 -8.36 32.11
C HIS B 68 2.74 -8.08 32.21
N THR B 69 3.51 -9.09 32.60
CA THR B 69 4.96 -8.97 32.73
C THR B 69 5.72 -10.07 31.97
N TRP B 70 6.97 -9.77 31.64
CA TRP B 70 7.84 -10.67 30.88
C TRP B 70 8.87 -11.37 31.77
N SER B 71 9.24 -12.57 31.38
CA SER B 71 10.32 -13.31 32.04
C SER B 71 11.07 -14.12 30.99
N ILE B 72 12.19 -14.71 31.38
CA ILE B 72 12.93 -15.57 30.47
C ILE B 72 12.85 -17.03 30.91
N ALA B 73 12.40 -17.90 30.01
CA ALA B 73 12.22 -19.30 30.34
C ALA B 73 13.58 -19.95 30.57
N PRO B 74 13.66 -20.90 31.52
CA PRO B 74 14.91 -21.61 31.79
C PRO B 74 15.51 -22.22 30.52
N ALA B 75 16.77 -21.91 30.23
CA ALA B 75 17.41 -22.44 29.05
C ALA B 75 18.02 -23.81 29.33
N ASN B 76 17.17 -24.78 29.63
CA ASN B 76 17.64 -26.13 29.94
C ASN B 76 17.39 -27.08 28.78
N GLY B 77 18.09 -28.21 28.78
CA GLY B 77 17.94 -29.23 27.74
C GLY B 77 18.73 -28.89 26.49
N ASP B 78 18.23 -29.30 25.33
CA ASP B 78 18.96 -29.03 24.09
C ASP B 78 18.63 -27.65 23.54
N VAL B 79 19.25 -26.61 24.11
CA VAL B 79 18.98 -25.24 23.72
C VAL B 79 19.34 -25.01 22.25
N PRO B 80 18.45 -24.37 21.49
CA PRO B 80 18.69 -24.17 20.05
C PRO B 80 20.04 -23.48 19.84
N LYS B 81 20.83 -23.98 18.91
CA LYS B 81 22.24 -23.62 18.82
C LYS B 81 22.50 -22.31 18.09
N THR B 82 21.45 -21.76 17.50
CA THR B 82 21.61 -20.62 16.61
C THR B 82 20.61 -19.52 16.90
N ARG B 83 21.05 -18.27 16.82
CA ARG B 83 20.13 -17.15 16.92
C ARG B 83 19.66 -16.87 15.50
N VAL B 84 18.36 -17.00 15.30
CA VAL B 84 17.80 -17.01 13.95
C VAL B 84 16.71 -15.97 13.74
N LEU B 85 16.57 -15.57 12.49
CA LEU B 85 15.42 -14.81 12.02
C LEU B 85 14.63 -15.71 11.07
N GLY B 86 13.39 -15.35 10.79
CA GLY B 86 12.60 -16.15 9.88
C GLY B 86 12.25 -17.50 10.47
N THR B 87 12.22 -17.57 11.80
CA THR B 87 11.89 -18.83 12.45
C THR B 87 10.43 -18.77 12.81
N ARG B 88 9.84 -19.91 13.16
CA ARG B 88 8.45 -19.92 13.58
C ARG B 88 8.21 -20.89 14.72
N MET B 89 7.11 -20.67 15.43
CA MET B 89 6.78 -21.48 16.60
C MET B 89 5.27 -21.64 16.76
N VAL B 90 4.84 -22.87 17.01
CA VAL B 90 3.42 -23.15 17.30
C VAL B 90 3.31 -23.88 18.62
N ALA B 91 2.12 -23.86 19.21
CA ALA B 91 1.88 -24.59 20.44
C ALA B 91 0.91 -25.74 20.27
N VAL B 92 1.27 -26.88 20.84
CA VAL B 92 0.37 -28.01 20.99
C VAL B 92 0.51 -28.55 22.40
N GLY B 93 -0.59 -28.54 23.15
CA GLY B 93 -0.57 -28.97 24.53
C GLY B 93 0.30 -28.05 25.36
N THR B 94 1.25 -28.62 26.09
CA THR B 94 2.14 -27.85 26.92
C THR B 94 3.53 -27.75 26.28
N LYS B 95 3.61 -28.11 25.01
CA LYS B 95 4.87 -27.99 24.30
C LYS B 95 4.85 -26.92 23.22
N LEU B 96 5.99 -26.24 23.07
CA LEU B 96 6.22 -25.34 21.97
C LEU B 96 7.06 -26.06 20.94
N TYR B 97 6.87 -25.73 19.66
CA TYR B 97 7.68 -26.34 18.61
C TYR B 97 8.28 -25.26 17.74
N VAL B 98 9.61 -25.27 17.64
CA VAL B 98 10.34 -24.29 16.84
C VAL B 98 10.95 -24.98 15.62
N PHE B 99 10.75 -24.37 14.46
CA PHE B 99 11.26 -24.91 13.21
C PHE B 99 11.93 -23.82 12.38
N GLY B 100 13.17 -24.07 11.98
CA GLY B 100 13.80 -23.29 10.94
C GLY B 100 14.15 -21.87 11.32
N GLY B 101 14.27 -21.01 10.31
CA GLY B 101 14.98 -19.75 10.48
C GLY B 101 16.48 -19.91 10.26
N ARG B 102 17.15 -18.78 10.08
CA ARG B 102 18.60 -18.75 9.89
C ARG B 102 19.27 -17.54 10.53
N ASN B 103 20.60 -17.59 10.60
CA ASN B 103 21.40 -16.42 10.91
C ASN B 103 22.01 -15.80 9.65
N LYS B 104 22.77 -14.72 9.83
CA LYS B 104 23.37 -14.00 8.71
C LYS B 104 24.38 -14.89 7.98
N GLN B 105 24.91 -15.86 8.70
CA GLN B 105 25.90 -16.81 8.20
C GLN B 105 25.32 -18.09 7.60
N LEU B 106 24.01 -18.14 7.40
CA LEU B 106 23.38 -19.22 6.62
C LEU B 106 23.42 -20.51 7.43
N GLU B 107 23.53 -20.38 8.75
CA GLU B 107 23.33 -21.54 9.62
C GLU B 107 21.85 -21.60 9.92
N PHE B 108 21.24 -22.75 9.67
CA PHE B 108 19.81 -22.90 9.82
C PHE B 108 19.44 -23.57 11.14
N GLU B 109 18.35 -23.12 11.75
CA GLU B 109 17.79 -23.78 12.93
C GLU B 109 17.12 -25.11 12.59
N ASP B 110 17.39 -26.13 13.40
CA ASP B 110 16.71 -27.42 13.32
C ASP B 110 15.34 -27.38 14.00
N PHE B 111 14.75 -28.55 14.19
CA PHE B 111 13.40 -28.68 14.74
C PHE B 111 13.52 -29.02 16.24
N TYR B 112 12.94 -28.18 17.09
CA TYR B 112 13.04 -28.36 18.54
C TYR B 112 11.67 -28.32 19.20
N SER B 113 11.53 -29.01 20.33
CA SER B 113 10.40 -28.75 21.21
C SER B 113 10.86 -28.08 22.51
N TYR B 114 9.95 -27.35 23.13
CA TYR B 114 10.14 -26.86 24.49
C TYR B 114 9.02 -27.34 25.39
N ASP B 115 9.36 -28.00 26.49
CA ASP B 115 8.34 -28.45 27.42
C ASP B 115 8.13 -27.30 28.41
N THR B 116 6.97 -26.66 28.35
CA THR B 116 6.74 -25.47 29.17
C THR B 116 6.52 -25.83 30.63
N VAL B 117 6.24 -27.10 30.88
CA VAL B 117 6.05 -27.61 32.23
C VAL B 117 7.40 -27.91 32.87
N LYS B 118 8.19 -28.75 32.22
CA LYS B 118 9.51 -29.13 32.73
C LYS B 118 10.56 -28.05 32.44
N GLU B 119 10.23 -27.11 31.57
CA GLU B 119 11.09 -25.98 31.26
C GLU B 119 12.43 -26.43 30.67
N GLU B 120 12.35 -27.12 29.54
CA GLU B 120 13.54 -27.62 28.86
C GLU B 120 13.30 -27.76 27.36
N TRP B 121 14.36 -27.55 26.60
CA TRP B 121 14.34 -27.76 25.17
C TRP B 121 14.65 -29.22 24.88
N LYS B 122 14.02 -29.75 23.84
CA LYS B 122 14.37 -31.06 23.35
C LYS B 122 14.59 -30.96 21.85
N PHE B 123 15.74 -31.43 21.40
CA PHE B 123 16.04 -31.57 19.97
C PHE B 123 15.28 -32.72 19.34
N LEU B 124 14.49 -32.44 18.31
CA LEU B 124 13.62 -33.46 17.71
C LEU B 124 14.09 -33.94 16.34
N THR B 125 14.43 -33.02 15.45
CA THR B 125 14.82 -33.40 14.09
C THR B 125 15.93 -32.52 13.54
N LYS B 126 16.99 -33.17 13.03
CA LYS B 126 18.00 -32.49 12.25
C LYS B 126 17.42 -32.18 10.88
N LEU B 127 17.43 -30.92 10.47
CA LEU B 127 16.83 -30.54 9.21
C LEU B 127 17.81 -30.66 8.05
N ASP B 128 17.26 -30.75 6.84
CA ASP B 128 17.99 -30.78 5.57
C ASP B 128 18.71 -32.11 5.32
N GLU B 129 18.26 -33.16 6.01
CA GLU B 129 18.81 -34.50 5.73
C GLU B 129 17.99 -35.22 4.67
N LYS B 130 18.61 -36.21 4.02
CA LYS B 130 17.92 -37.05 3.04
C LYS B 130 16.66 -37.72 3.58
N GLY B 131 15.53 -37.51 2.90
CA GLY B 131 14.29 -38.17 3.24
C GLY B 131 13.57 -37.53 4.41
N GLY B 132 14.13 -36.43 4.92
CA GLY B 132 13.56 -35.71 6.05
C GLY B 132 13.13 -34.32 5.65
N PRO B 133 12.57 -33.57 6.62
CA PRO B 133 12.15 -32.19 6.35
C PRO B 133 13.36 -31.31 6.03
N GLU B 134 13.20 -30.39 5.08
CA GLU B 134 14.30 -29.51 4.69
C GLU B 134 14.47 -28.35 5.67
N ALA B 135 15.68 -27.80 5.72
CA ALA B 135 15.89 -26.53 6.40
C ALA B 135 15.08 -25.45 5.68
N ARG B 136 14.34 -24.65 6.45
CA ARG B 136 13.58 -23.56 5.87
C ARG B 136 13.64 -22.29 6.71
N THR B 137 13.52 -21.15 6.06
CA THR B 137 13.38 -19.88 6.75
C THR B 137 12.27 -19.08 6.05
N PHE B 138 11.55 -18.28 6.83
CA PHE B 138 10.41 -17.50 6.34
C PHE B 138 9.29 -18.42 5.83
N HIS B 139 9.30 -19.66 6.31
CA HIS B 139 8.16 -20.55 6.16
C HIS B 139 7.00 -20.12 7.05
N SER B 140 5.87 -20.79 6.91
CA SER B 140 4.72 -20.58 7.77
C SER B 140 4.37 -21.84 8.52
N MET B 141 3.70 -21.69 9.66
CA MET B 141 3.34 -22.84 10.48
C MET B 141 1.94 -22.77 11.05
N THR B 142 1.36 -23.95 11.25
CA THR B 142 0.11 -24.11 11.98
C THR B 142 0.12 -25.50 12.59
N SER B 143 -0.98 -25.90 13.18
CA SER B 143 -1.01 -27.16 13.94
C SER B 143 -2.43 -27.64 14.20
N ASP B 144 -2.54 -28.91 14.54
CA ASP B 144 -3.77 -29.48 15.06
C ASP B 144 -3.47 -30.44 16.20
N GLU B 145 -4.40 -31.35 16.48
CA GLU B 145 -4.33 -32.15 17.69
C GLU B 145 -3.07 -33.02 17.78
N ASN B 146 -2.59 -33.53 16.65
CA ASN B 146 -1.49 -34.48 16.66
C ASN B 146 -0.44 -34.13 15.60
N HIS B 147 -0.55 -32.94 15.01
CA HIS B 147 0.43 -32.51 14.04
C HIS B 147 0.90 -31.08 14.18
N VAL B 148 2.17 -30.90 13.84
CA VAL B 148 2.75 -29.61 13.57
C VAL B 148 2.94 -29.56 12.06
N TYR B 149 2.55 -28.46 11.43
CA TYR B 149 2.63 -28.36 9.98
C TYR B 149 3.52 -27.21 9.57
N VAL B 150 4.36 -27.45 8.57
CA VAL B 150 5.22 -26.40 8.03
C VAL B 150 5.01 -26.19 6.54
N PHE B 151 4.72 -24.96 6.13
CA PHE B 151 4.56 -24.69 4.70
C PHE B 151 5.57 -23.67 4.18
N GLY B 152 6.14 -23.96 3.01
CA GLY B 152 6.84 -22.97 2.22
C GLY B 152 8.13 -22.45 2.82
N GLY B 153 8.44 -21.21 2.47
CA GLY B 153 9.64 -20.50 2.88
C GLY B 153 10.79 -20.69 1.92
N VAL B 154 11.96 -20.13 2.27
CA VAL B 154 13.08 -20.17 1.34
C VAL B 154 14.34 -20.89 1.86
N SER B 155 14.93 -21.74 1.00
CA SER B 155 16.13 -22.52 1.38
C SER B 155 17.40 -21.90 0.76
N LYS B 156 18.33 -21.38 1.55
CA LYS B 156 19.61 -20.94 0.98
C LYS B 156 20.59 -22.10 0.81
N GLY B 157 21.19 -22.22 -0.37
CA GLY B 157 22.19 -23.25 -0.63
C GLY B 157 23.53 -22.93 0.02
N GLY B 158 24.29 -22.07 -0.64
CA GLY B 158 25.52 -21.51 -0.10
C GLY B 158 25.48 -20.00 -0.24
N LEU B 159 26.54 -19.33 0.20
CA LEU B 159 26.60 -17.87 0.16
C LEU B 159 26.18 -17.25 -1.18
N ASN B 160 26.72 -17.76 -2.29
CA ASN B 160 26.51 -17.12 -3.60
C ASN B 160 25.50 -17.93 -4.42
N ALA B 161 24.79 -18.78 -3.70
CA ALA B 161 23.71 -19.64 -4.16
C ALA B 161 22.45 -18.87 -4.55
N THR B 162 21.66 -19.46 -5.43
CA THR B 162 20.35 -18.88 -5.57
C THR B 162 19.58 -19.75 -4.59
N PRO B 163 18.42 -19.26 -4.13
CA PRO B 163 17.46 -19.87 -3.20
C PRO B 163 16.10 -20.09 -3.79
N PHE B 164 15.37 -21.11 -3.34
CA PHE B 164 14.05 -21.21 -3.91
C PHE B 164 13.07 -21.40 -2.76
N ARG B 165 11.82 -21.26 -3.12
CA ARG B 165 10.69 -21.46 -2.24
C ARG B 165 10.08 -22.85 -2.31
N PHE B 166 9.39 -23.24 -1.25
CA PHE B 166 8.72 -24.53 -1.24
C PHE B 166 7.24 -24.27 -1.49
N ARG B 167 6.58 -25.24 -2.13
CA ARG B 167 5.13 -25.26 -2.20
C ARG B 167 4.58 -26.46 -1.45
N THR B 168 5.45 -27.16 -0.74
CA THR B 168 5.05 -28.37 -0.04
C THR B 168 4.78 -28.12 1.44
N ILE B 169 4.04 -29.06 2.03
CA ILE B 169 3.84 -29.07 3.47
C ILE B 169 4.54 -30.27 4.08
N GLU B 170 5.33 -30.01 5.13
CA GLU B 170 5.84 -31.09 5.95
C GLU B 170 4.98 -31.18 7.19
N ALA B 171 4.59 -32.40 7.55
CA ALA B 171 3.68 -32.63 8.66
C ALA B 171 4.36 -33.54 9.68
N TYR B 172 4.45 -33.07 10.92
CA TYR B 172 5.05 -33.85 11.98
C TYR B 172 3.97 -34.47 12.85
N ASN B 173 3.93 -35.80 12.84
CA ASN B 173 3.02 -36.54 13.71
C ASN B 173 3.67 -36.60 15.08
N ILE B 174 3.07 -35.90 16.04
CA ILE B 174 3.65 -35.74 17.36
C ILE B 174 3.74 -37.05 18.15
N ALA B 175 2.67 -37.83 18.14
CA ALA B 175 2.65 -39.08 18.89
C ALA B 175 3.72 -40.04 18.36
N GLU B 176 3.89 -40.09 17.04
CA GLU B 176 4.84 -41.02 16.44
C GLU B 176 6.24 -40.42 16.40
N GLY B 177 6.33 -39.10 16.50
CA GLY B 177 7.59 -38.41 16.36
C GLY B 177 8.20 -38.49 14.97
N LYS B 178 7.37 -38.38 13.95
CA LYS B 178 7.80 -38.61 12.57
C LYS B 178 7.32 -37.51 11.61
N TRP B 179 8.21 -37.09 10.71
CA TRP B 179 7.84 -36.16 9.65
C TRP B 179 7.43 -36.91 8.39
N ALA B 180 6.46 -36.33 7.68
CA ALA B 180 6.12 -36.75 6.33
C ALA B 180 5.71 -35.54 5.51
N GLN B 181 6.00 -35.56 4.22
CA GLN B 181 5.53 -34.52 3.32
C GLN B 181 4.13 -34.85 2.80
N LEU B 182 3.25 -33.85 2.80
CA LEU B 182 1.90 -34.00 2.27
C LEU B 182 1.97 -33.96 0.74
N PRO B 183 0.90 -34.41 0.06
CA PRO B 183 0.89 -34.33 -1.41
C PRO B 183 1.27 -32.97 -1.97
N ASP B 184 2.15 -32.96 -2.96
CA ASP B 184 2.61 -31.75 -3.61
C ASP B 184 1.49 -31.24 -4.52
N PRO B 185 1.09 -29.97 -4.35
CA PRO B 185 -0.02 -29.38 -5.11
C PRO B 185 0.34 -29.09 -6.58
N GLY B 186 1.61 -29.24 -6.93
CA GLY B 186 2.04 -29.14 -8.31
C GLY B 186 2.44 -27.77 -8.82
N GLU B 187 2.80 -27.72 -10.10
CA GLU B 187 3.43 -26.54 -10.71
C GLU B 187 2.56 -25.29 -10.76
N ASP B 188 1.24 -25.46 -10.78
CA ASP B 188 0.33 -24.32 -10.90
C ASP B 188 0.16 -23.60 -9.56
N PHE B 189 0.79 -24.15 -8.53
CA PHE B 189 0.64 -23.69 -7.16
C PHE B 189 1.92 -22.95 -6.82
N GLU B 190 1.80 -21.74 -6.28
CA GLU B 190 2.97 -20.90 -6.09
C GLU B 190 3.82 -21.36 -4.92
N LYS B 191 5.12 -21.45 -5.15
CA LYS B 191 6.10 -21.59 -4.09
C LYS B 191 6.18 -20.24 -3.37
N ARG B 192 6.11 -20.25 -2.04
CA ARG B 192 5.93 -18.99 -1.32
C ARG B 192 6.57 -18.96 0.06
N GLY B 193 7.05 -17.78 0.42
CA GLY B 193 7.43 -17.45 1.79
C GLY B 193 6.42 -16.47 2.38
N MET B 194 6.41 -16.37 3.70
CA MET B 194 5.53 -15.45 4.43
C MET B 194 4.07 -15.55 3.99
N ALA B 195 3.62 -16.76 3.69
CA ALA B 195 2.24 -17.00 3.30
C ALA B 195 1.35 -17.14 4.53
N GLY B 196 0.07 -16.90 4.35
CA GLY B 196 -0.91 -17.28 5.35
C GLY B 196 -1.00 -18.78 5.39
N PHE B 197 -1.01 -19.35 6.59
CA PHE B 197 -1.12 -20.80 6.75
C PHE B 197 -1.84 -21.11 8.04
N LEU B 198 -3.00 -21.77 7.93
CA LEU B 198 -3.84 -22.03 9.09
C LEU B 198 -4.65 -23.31 8.96
N VAL B 199 -4.95 -23.94 10.10
CA VAL B 199 -6.00 -24.95 10.11
C VAL B 199 -7.32 -24.23 10.40
N VAL B 200 -8.30 -24.43 9.53
CA VAL B 200 -9.61 -23.82 9.71
C VAL B 200 -10.67 -24.90 9.54
N GLN B 201 -11.46 -25.12 10.61
CA GLN B 201 -12.53 -26.12 10.59
C GLN B 201 -12.13 -27.43 9.91
N GLY B 202 -10.96 -27.95 10.32
CA GLY B 202 -10.51 -29.24 9.87
C GLY B 202 -9.69 -29.28 8.58
N LYS B 203 -9.53 -28.14 7.92
CA LYS B 203 -8.76 -28.11 6.68
C LYS B 203 -7.54 -27.21 6.82
N LEU B 204 -6.55 -27.45 5.97
CA LEU B 204 -5.34 -26.63 6.00
C LEU B 204 -5.53 -25.58 4.92
N TRP B 205 -5.38 -24.32 5.30
CA TRP B 205 -5.49 -23.25 4.32
C TRP B 205 -4.18 -22.55 4.05
N VAL B 206 -3.87 -22.39 2.76
CA VAL B 206 -2.72 -21.62 2.32
C VAL B 206 -3.21 -20.47 1.47
N PHE B 207 -2.78 -19.26 1.78
CA PHE B 207 -3.36 -18.08 1.14
C PHE B 207 -2.36 -16.95 1.08
N TYR B 208 -2.28 -16.33 -0.10
CA TYR B 208 -1.43 -15.16 -0.33
C TYR B 208 0.03 -15.48 -0.07
N GLY B 209 0.82 -14.47 0.26
CA GLY B 209 2.22 -14.70 0.55
C GLY B 209 3.10 -14.14 -0.54
N PHE B 210 4.40 -14.43 -0.45
CA PHE B 210 5.38 -13.86 -1.35
C PHE B 210 5.89 -14.98 -2.24
N ALA B 211 5.55 -14.90 -3.52
CA ALA B 211 5.69 -16.02 -4.43
C ALA B 211 6.89 -15.97 -5.38
N THR B 212 7.45 -17.16 -5.61
CA THR B 212 8.32 -17.40 -6.76
C THR B 212 7.39 -17.55 -7.96
N ALA B 213 7.74 -16.92 -9.07
CA ALA B 213 6.94 -17.03 -10.29
C ALA B 213 7.14 -18.35 -11.03
N ASN B 214 6.06 -18.86 -11.60
CA ASN B 214 6.14 -20.02 -12.47
C ASN B 214 5.67 -19.67 -13.87
N ASP B 215 6.23 -18.58 -14.40
CA ASP B 215 5.86 -18.09 -15.71
C ASP B 215 6.89 -17.05 -16.14
N PRO B 216 7.74 -17.40 -17.12
CA PRO B 216 8.76 -16.45 -17.60
C PRO B 216 8.17 -15.16 -18.19
N LYS B 217 6.86 -15.16 -18.44
CA LYS B 217 6.17 -13.99 -18.98
C LYS B 217 5.92 -12.92 -17.92
N ILE B 218 5.95 -13.31 -16.66
CA ILE B 218 5.81 -12.35 -15.58
C ILE B 218 7.06 -11.50 -15.56
N PRO B 219 6.90 -10.17 -15.68
CA PRO B 219 8.10 -9.34 -15.74
C PRO B 219 8.78 -9.20 -14.39
N THR B 220 10.08 -8.90 -14.40
CA THR B 220 10.80 -8.61 -13.18
C THR B 220 10.47 -7.27 -12.57
N LEU B 221 10.60 -7.19 -11.24
CA LEU B 221 10.60 -5.93 -10.53
C LEU B 221 11.84 -5.88 -9.65
N TYR B 222 12.60 -4.79 -9.74
CA TYR B 222 13.87 -4.68 -9.03
C TYR B 222 14.79 -5.88 -9.30
N GLY B 223 14.72 -6.42 -10.52
CA GLY B 223 15.63 -7.48 -10.91
C GLY B 223 15.13 -8.88 -10.58
N SER B 224 13.93 -8.97 -10.01
CA SER B 224 13.36 -10.26 -9.64
C SER B 224 11.89 -10.36 -10.07
N GLN B 225 11.43 -11.56 -10.45
CA GLN B 225 10.02 -11.76 -10.77
C GLN B 225 9.12 -11.88 -9.55
N ASP B 226 9.72 -11.99 -8.36
CA ASP B 226 8.96 -12.25 -7.14
C ASP B 226 7.84 -11.23 -6.95
N TYR B 227 6.70 -11.69 -6.47
CA TYR B 227 5.52 -10.82 -6.39
C TYR B 227 4.60 -11.22 -5.24
N GLU B 228 3.63 -10.37 -4.95
CA GLU B 228 2.70 -10.63 -3.86
C GLU B 228 1.56 -11.49 -4.40
N SER B 229 1.27 -12.60 -3.73
CA SER B 229 0.19 -13.47 -4.16
C SER B 229 -1.14 -12.98 -3.60
N ASN B 230 -2.23 -13.35 -4.27
CA ASN B 230 -3.56 -13.19 -3.71
C ASN B 230 -4.36 -14.46 -3.87
N ARG B 231 -3.66 -15.59 -4.01
CA ARG B 231 -4.34 -16.85 -4.24
C ARG B 231 -4.54 -17.61 -2.94
N VAL B 232 -5.56 -18.47 -2.95
CA VAL B 232 -6.00 -19.18 -1.76
C VAL B 232 -6.25 -20.63 -2.11
N HIS B 233 -5.63 -21.53 -1.35
CA HIS B 233 -5.84 -22.94 -1.55
C HIS B 233 -6.20 -23.60 -0.24
N CYS B 234 -6.89 -24.73 -0.31
CA CYS B 234 -7.20 -25.53 0.86
C CYS B 234 -6.95 -27.01 0.60
N TYR B 235 -6.45 -27.70 1.62
CA TYR B 235 -6.13 -29.12 1.55
C TYR B 235 -6.96 -29.90 2.54
N ASP B 236 -7.64 -30.93 2.05
CA ASP B 236 -8.46 -31.75 2.94
C ASP B 236 -7.74 -33.07 3.22
N PRO B 237 -7.26 -33.25 4.47
CA PRO B 237 -6.57 -34.49 4.86
C PRO B 237 -7.46 -35.72 4.71
N ALA B 238 -8.78 -35.50 4.70
CA ALA B 238 -9.75 -36.57 4.72
C ALA B 238 -9.78 -37.23 3.35
N THR B 239 -9.39 -36.44 2.36
CA THR B 239 -9.43 -36.86 0.96
C THR B 239 -8.05 -36.79 0.33
N GLN B 240 -7.12 -36.11 1.00
CA GLN B 240 -5.77 -35.90 0.48
C GLN B 240 -5.80 -35.09 -0.81
N LYS B 241 -6.79 -34.21 -0.93
CA LYS B 241 -6.96 -33.40 -2.13
C LYS B 241 -6.67 -31.91 -1.91
N TRP B 242 -6.07 -31.29 -2.92
CA TRP B 242 -5.87 -29.86 -2.92
C TRP B 242 -7.00 -29.28 -3.74
N THR B 243 -7.50 -28.12 -3.35
CA THR B 243 -8.46 -27.41 -4.19
C THR B 243 -8.06 -25.95 -4.12
N GLU B 244 -8.13 -25.28 -5.26
CA GLU B 244 -7.97 -23.84 -5.30
C GLU B 244 -9.32 -23.16 -5.07
N VAL B 245 -9.30 -22.13 -4.24
CA VAL B 245 -10.53 -21.51 -3.76
C VAL B 245 -10.66 -20.12 -4.37
N GLU B 246 -11.78 -19.88 -5.03
CA GLU B 246 -12.06 -18.55 -5.58
C GLU B 246 -12.75 -17.69 -4.54
N THR B 247 -12.05 -16.65 -4.10
CA THR B 247 -12.59 -15.76 -3.09
C THR B 247 -12.99 -14.43 -3.70
N THR B 248 -13.95 -13.76 -3.06
CA THR B 248 -14.64 -12.62 -3.67
C THR B 248 -14.77 -11.45 -2.71
N GLY B 249 -15.32 -10.35 -3.23
CA GLY B 249 -15.70 -9.23 -2.40
C GLY B 249 -15.16 -7.89 -2.88
N PHE B 250 -15.98 -6.85 -2.71
CA PHE B 250 -15.54 -5.49 -3.00
C PHE B 250 -14.30 -5.17 -2.18
N GLU B 251 -14.27 -5.68 -0.96
CA GLU B 251 -13.16 -5.43 -0.06
C GLU B 251 -12.19 -6.61 -0.03
N LYS B 252 -12.11 -7.37 -1.12
CA LYS B 252 -11.03 -8.35 -1.25
C LYS B 252 -9.69 -7.64 -1.17
N PRO B 253 -8.80 -8.12 -0.29
CA PRO B 253 -7.53 -7.42 -0.11
C PRO B 253 -6.63 -7.54 -1.34
N SER B 254 -5.93 -6.47 -1.67
CA SER B 254 -4.89 -6.48 -2.68
C SER B 254 -3.80 -7.48 -2.33
N ARG B 255 -3.05 -7.90 -3.35
CA ARG B 255 -1.95 -8.84 -3.19
C ARG B 255 -1.05 -8.43 -2.03
N ARG B 256 -0.64 -9.40 -1.22
CA ARG B 256 0.20 -9.10 -0.05
C ARG B 256 0.84 -10.31 0.61
N SER B 257 1.82 -10.01 1.47
CA SER B 257 2.59 -11.01 2.20
C SER B 257 2.91 -10.48 3.59
N CYS B 258 3.59 -11.32 4.39
CA CYS B 258 4.03 -10.99 5.75
C CYS B 258 3.01 -10.23 6.57
N PHE B 259 1.83 -10.79 6.70
CA PHE B 259 0.76 -10.20 7.49
C PHE B 259 0.49 -11.01 8.75
N ALA B 260 -0.08 -10.35 9.75
CA ALA B 260 -0.63 -11.07 10.89
C ALA B 260 -1.79 -11.90 10.37
N HIS B 261 -1.94 -13.12 10.87
CA HIS B 261 -3.11 -13.91 10.53
C HIS B 261 -3.45 -14.97 11.56
N ALA B 262 -4.75 -15.22 11.72
CA ALA B 262 -5.24 -16.21 12.67
C ALA B 262 -6.60 -16.75 12.21
N ALA B 263 -6.95 -17.93 12.71
CA ALA B 263 -8.25 -18.51 12.42
C ALA B 263 -9.15 -18.44 13.64
N VAL B 264 -10.38 -17.95 13.43
CA VAL B 264 -11.39 -17.98 14.47
C VAL B 264 -12.68 -18.53 13.85
N GLY B 265 -13.03 -19.75 14.23
CA GLY B 265 -14.15 -20.45 13.64
C GLY B 265 -14.00 -20.53 12.13
N LYS B 266 -15.01 -20.05 11.40
CA LYS B 266 -14.97 -20.09 9.94
C LYS B 266 -14.13 -18.98 9.35
N TYR B 267 -13.70 -18.03 10.17
CA TYR B 267 -12.95 -16.89 9.65
C TYR B 267 -11.44 -17.06 9.65
N ILE B 268 -10.84 -16.64 8.55
CA ILE B 268 -9.42 -16.37 8.48
C ILE B 268 -9.27 -14.87 8.64
N ILE B 269 -8.56 -14.46 9.68
CA ILE B 269 -8.44 -13.04 10.01
C ILE B 269 -7.02 -12.57 9.79
N ILE B 270 -6.85 -11.51 9.00
CA ILE B 270 -5.52 -10.98 8.73
C ILE B 270 -5.41 -9.49 9.05
N PHE B 271 -4.18 -9.05 9.28
CA PHE B 271 -3.88 -7.64 9.49
C PHE B 271 -2.50 -7.28 8.98
N GLY B 272 -2.41 -6.14 8.31
CA GLY B 272 -1.11 -5.59 7.92
C GLY B 272 -0.51 -6.33 6.75
N GLY B 273 0.81 -6.25 6.63
CA GLY B 273 1.52 -6.99 5.61
C GLY B 273 2.20 -6.12 4.56
N GLU B 274 3.14 -6.73 3.85
CA GLU B 274 3.80 -6.07 2.72
C GLU B 274 2.88 -6.06 1.51
N ILE B 275 2.55 -4.87 1.03
CA ILE B 275 1.76 -4.71 -0.18
C ILE B 275 2.59 -4.23 -1.37
N GLU B 276 3.77 -3.68 -1.09
CA GLU B 276 4.73 -3.39 -2.17
C GLU B 276 6.13 -3.79 -1.75
N ARG B 277 6.88 -4.35 -2.69
CA ARG B 277 8.27 -4.74 -2.42
C ARG B 277 9.15 -3.52 -2.14
N ASP B 278 10.14 -3.70 -1.27
CA ASP B 278 11.24 -2.76 -1.10
C ASP B 278 12.25 -2.95 -2.22
N PRO B 279 12.87 -1.85 -2.71
CA PRO B 279 13.91 -2.01 -3.73
C PRO B 279 15.10 -2.86 -3.27
N GLU B 280 15.34 -2.94 -1.97
CA GLU B 280 16.51 -3.67 -1.47
C GLU B 280 16.09 -4.83 -0.58
N ALA B 281 15.11 -5.60 -1.04
CA ALA B 281 14.71 -6.87 -0.42
C ALA B 281 14.18 -6.66 1.00
N HIS B 282 14.94 -7.03 2.00
CA HIS B 282 14.49 -6.85 3.38
C HIS B 282 15.21 -5.70 4.08
N GLN B 283 16.05 -4.98 3.33
CA GLN B 283 16.81 -3.86 3.88
C GLN B 283 15.90 -2.71 4.31
N GLY B 284 15.02 -2.29 3.41
CA GLY B 284 14.03 -1.28 3.74
C GLY B 284 12.68 -1.91 4.04
N PRO B 285 11.69 -1.08 4.40
CA PRO B 285 10.39 -1.59 4.85
C PRO B 285 9.38 -1.81 3.73
N GLY B 286 9.71 -1.42 2.51
CA GLY B 286 8.78 -1.50 1.40
C GLY B 286 7.57 -0.63 1.67
N THR B 287 6.39 -1.16 1.34
CA THR B 287 5.14 -0.49 1.69
C THR B 287 4.32 -1.46 2.52
N LEU B 288 3.89 -1.01 3.70
CA LEU B 288 3.19 -1.89 4.62
C LEU B 288 1.75 -1.44 4.80
N SER B 289 0.84 -2.40 4.95
CA SER B 289 -0.57 -2.08 5.12
C SER B 289 -0.88 -1.80 6.59
N ARG B 290 -1.87 -0.95 6.83
CA ARG B 290 -2.40 -0.75 8.17
C ARG B 290 -3.82 -1.26 8.27
N GLU B 291 -4.19 -2.15 7.36
CA GLU B 291 -5.57 -2.60 7.31
C GLU B 291 -5.75 -4.07 7.63
N GLY B 292 -6.91 -4.39 8.16
CA GLY B 292 -7.30 -5.73 8.55
C GLY B 292 -8.39 -6.28 7.66
N PHE B 293 -8.23 -7.53 7.24
CA PHE B 293 -9.22 -8.20 6.41
C PHE B 293 -9.51 -9.58 6.98
N ALA B 294 -10.73 -10.05 6.75
CA ALA B 294 -11.14 -11.38 7.16
C ALA B 294 -11.85 -12.13 6.04
N LEU B 295 -11.58 -13.42 5.92
CA LEU B 295 -12.27 -14.24 4.94
C LEU B 295 -13.21 -15.24 5.60
N ASP B 296 -14.48 -15.16 5.22
CA ASP B 296 -15.47 -16.16 5.61
C ASP B 296 -15.28 -17.36 4.71
N THR B 297 -14.83 -18.48 5.25
CA THR B 297 -14.44 -19.62 4.44
C THR B 297 -15.65 -20.39 3.96
N GLU B 298 -16.84 -19.97 4.42
CA GLU B 298 -18.09 -20.58 4.00
C GLU B 298 -18.69 -19.80 2.83
N THR B 299 -18.66 -18.47 2.91
CA THR B 299 -19.23 -17.66 1.84
C THR B 299 -18.15 -17.32 0.81
N LEU B 300 -16.89 -17.38 1.23
CA LEU B 300 -15.73 -17.10 0.38
C LEU B 300 -15.62 -15.60 0.09
N VAL B 301 -16.24 -14.81 0.97
CA VAL B 301 -16.24 -13.35 0.84
C VAL B 301 -15.21 -12.74 1.79
N TRP B 302 -14.41 -11.83 1.25
CA TRP B 302 -13.51 -11.01 2.05
C TRP B 302 -14.22 -9.74 2.50
N GLU B 303 -13.89 -9.31 3.71
CA GLU B 303 -14.32 -7.99 4.19
C GLU B 303 -13.28 -7.38 5.11
N ARG B 304 -13.15 -6.06 5.08
CA ARG B 304 -12.35 -5.37 6.10
C ARG B 304 -13.00 -5.53 7.46
N TYR B 305 -12.22 -5.40 8.52
CA TYR B 305 -12.77 -5.25 9.86
C TYR B 305 -12.18 -4.03 10.56
N GLU B 306 -12.92 -3.53 11.55
CA GLU B 306 -12.48 -2.40 12.36
C GLU B 306 -12.66 -2.77 13.82
N GLY B 307 -11.94 -2.10 14.71
CA GLY B 307 -11.90 -2.50 16.10
C GLY B 307 -11.94 -1.35 17.09
N GLY B 308 -12.61 -0.27 16.72
CA GLY B 308 -12.76 0.84 17.63
C GLY B 308 -11.59 1.79 17.51
N PRO B 309 -11.32 2.57 18.56
CA PRO B 309 -10.37 3.68 18.52
C PRO B 309 -8.92 3.23 18.37
N ILE B 310 -8.58 2.02 18.77
CA ILE B 310 -7.19 1.57 18.64
C ILE B 310 -6.96 1.05 17.22
N LYS B 311 -6.08 1.74 16.50
CA LYS B 311 -5.78 1.39 15.12
C LYS B 311 -4.28 1.18 14.96
N PRO B 312 -3.83 -0.08 14.89
CA PRO B 312 -2.39 -0.33 14.71
C PRO B 312 -1.85 0.28 13.42
N SER B 313 -0.67 0.89 13.49
CA SER B 313 -0.06 1.52 12.33
C SER B 313 0.50 0.48 11.38
N ASN B 314 0.88 0.93 10.19
CA ASN B 314 1.40 0.06 9.15
C ASN B 314 2.53 -0.82 9.66
N ARG B 315 2.43 -2.11 9.42
CA ARG B 315 3.46 -3.05 9.85
C ARG B 315 3.38 -4.37 9.08
N GLY B 316 4.50 -5.08 9.05
CA GLY B 316 4.55 -6.40 8.49
C GLY B 316 5.69 -7.15 9.16
N TRP B 317 5.85 -8.43 8.83
CA TRP B 317 6.92 -9.25 9.40
C TRP B 317 6.69 -9.38 10.90
N VAL B 318 5.43 -9.27 11.29
CA VAL B 318 5.05 -9.42 12.68
C VAL B 318 5.02 -10.91 13.01
N ALA B 319 4.98 -11.22 14.29
CA ALA B 319 4.62 -12.57 14.69
C ALA B 319 3.14 -12.51 15.04
N SER B 320 2.43 -13.61 14.78
CA SER B 320 1.00 -13.66 15.05
C SER B 320 0.58 -15.06 15.41
N THR B 321 -0.57 -15.18 16.06
CA THR B 321 -1.14 -16.48 16.37
C THR B 321 -2.60 -16.35 16.77
N THR B 322 -3.24 -17.48 16.98
CA THR B 322 -4.60 -17.46 17.53
C THR B 322 -4.46 -17.72 19.01
N THR B 323 -5.20 -16.95 19.80
CA THR B 323 -5.39 -17.26 21.21
C THR B 323 -6.71 -16.72 21.73
N THR B 324 -6.96 -16.94 23.02
CA THR B 324 -8.15 -16.42 23.67
C THR B 324 -7.72 -15.50 24.80
N ILE B 325 -8.23 -14.28 24.79
CA ILE B 325 -7.91 -13.31 25.82
C ILE B 325 -9.18 -12.69 26.39
N ASN B 326 -9.32 -12.74 27.71
CA ASN B 326 -10.50 -12.26 28.42
C ASN B 326 -11.81 -12.79 27.83
N GLY B 327 -11.80 -14.08 27.48
CA GLY B 327 -13.00 -14.76 27.02
C GLY B 327 -13.34 -14.50 25.57
N LYS B 328 -12.45 -13.85 24.86
CA LYS B 328 -12.66 -13.50 23.46
C LYS B 328 -11.59 -14.17 22.58
N LYS B 329 -12.02 -14.92 21.57
CA LYS B 329 -11.05 -15.47 20.62
C LYS B 329 -10.55 -14.32 19.77
N GLY B 330 -9.33 -14.41 19.25
CA GLY B 330 -8.87 -13.39 18.34
C GLY B 330 -7.48 -13.50 17.78
N LEU B 331 -7.04 -12.40 17.18
CA LEU B 331 -5.76 -12.31 16.50
C LEU B 331 -4.77 -11.55 17.37
N LEU B 332 -3.67 -12.20 17.72
CA LEU B 332 -2.62 -11.55 18.50
C LEU B 332 -1.46 -11.14 17.60
N VAL B 333 -1.03 -9.88 17.72
CA VAL B 333 0.03 -9.38 16.85
C VAL B 333 1.19 -8.88 17.69
N HIS B 334 2.40 -9.36 17.42
CA HIS B 334 3.56 -8.92 18.20
C HIS B 334 4.76 -8.58 17.32
N GLY B 335 5.41 -7.47 17.62
CA GLY B 335 6.63 -7.09 16.93
C GLY B 335 6.44 -6.76 15.48
N GLY B 336 7.49 -6.95 14.69
CA GLY B 336 7.44 -6.62 13.27
C GLY B 336 8.27 -5.39 12.94
N LYS B 337 8.24 -4.99 11.67
CA LYS B 337 8.85 -3.73 11.25
C LYS B 337 7.81 -2.69 10.83
N LEU B 338 8.17 -1.42 11.00
CA LEU B 338 7.29 -0.31 10.68
C LEU B 338 7.77 0.38 9.41
N MET B 339 6.97 1.30 8.90
CA MET B 339 7.33 2.01 7.68
C MET B 339 8.52 2.95 7.91
N THR B 340 8.85 3.19 9.17
CA THR B 340 10.09 3.87 9.51
C THR B 340 11.30 2.96 9.30
N ASN B 341 11.02 1.68 9.05
CA ASN B 341 12.00 0.60 8.96
C ASN B 341 12.54 0.19 10.31
N GLU B 342 11.99 0.76 11.38
CA GLU B 342 12.35 0.33 12.72
C GLU B 342 11.54 -0.91 13.10
N ARG B 343 12.11 -1.76 13.94
CA ARG B 343 11.31 -2.80 14.59
C ARG B 343 10.47 -2.23 15.73
N THR B 344 9.40 -2.95 16.07
CA THR B 344 8.54 -2.55 17.18
C THR B 344 8.45 -3.65 18.23
N ASP B 345 8.22 -3.25 19.48
CA ASP B 345 7.93 -4.19 20.55
C ASP B 345 6.44 -4.24 20.88
N GLU B 346 5.64 -3.53 20.08
CA GLU B 346 4.21 -3.42 20.35
C GLU B 346 3.47 -4.73 20.16
N MET B 347 2.43 -4.89 20.98
CA MET B 347 1.58 -6.07 20.91
C MET B 347 0.12 -5.63 20.85
N TYR B 348 -0.59 -6.15 19.87
CA TYR B 348 -1.99 -5.82 19.68
C TYR B 348 -2.84 -7.08 19.62
N PHE B 349 -4.07 -6.99 20.08
CA PHE B 349 -4.97 -8.12 20.01
C PHE B 349 -6.29 -7.67 19.41
N PHE B 350 -6.72 -8.35 18.35
CA PHE B 350 -8.05 -8.12 17.82
C PHE B 350 -9.00 -9.15 18.40
N ALA B 351 -9.83 -8.69 19.32
CA ALA B 351 -10.77 -9.54 20.01
C ALA B 351 -12.07 -9.64 19.23
N VAL B 352 -12.40 -10.85 18.80
CA VAL B 352 -13.60 -11.10 18.03
C VAL B 352 -14.73 -11.09 19.05
N ASN B 353 -15.82 -10.39 18.77
CA ASN B 353 -16.92 -10.40 19.72
C ASN B 353 -18.04 -11.35 19.35
N SER B 354 -18.33 -11.51 18.05
CA SER B 354 -19.45 -12.34 17.67
C SER B 354 -19.02 -13.80 17.58
N SER B 355 -19.99 -14.70 17.46
CA SER B 355 -19.70 -16.13 17.36
C SER B 355 -19.06 -16.35 16.00
N THR B 356 -18.21 -17.36 15.86
CA THR B 356 -17.53 -17.55 14.58
C THR B 356 -17.63 -19.00 14.10
I IOD C . -11.28 14.27 -2.07
I IOD D . -4.37 17.21 -11.68
I IOD E . 16.84 16.78 -15.07
I IOD F . 10.43 -15.17 1.11
I IOD G . 3.30 -18.16 10.86
I IOD H . 17.46 -17.56 2.66
I IOD I . -5.35 -7.04 26.86
#